data_5J43
#
_entry.id   5J43
#
_cell.length_a   64.010
_cell.length_b   64.010
_cell.length_c   365.370
_cell.angle_alpha   90.00
_cell.angle_beta   90.00
_cell.angle_gamma   90.00
#
_symmetry.space_group_name_H-M   'P 41'
#
loop_
_entity.id
_entity.type
_entity.pdbx_description
1 polymer 'Cysteine synthase A'
2 polymer 'tRNA nuclease CdiA'
3 water water
#
loop_
_entity_poly.entity_id
_entity_poly.type
_entity_poly.pdbx_seq_one_letter_code
_entity_poly.pdbx_strand_id
1 'polypeptide(L)'
;MGKIFEDNSLTIGHTPLVRLNRIGNGRILAKVESRNPSFSV(LLP)CRIGANMIWDAEKRGVLKPGVELVEPTSGNTGIA
LAYVAAARGYKLTLTMPETMSIERRKLLKALGANLVLTEGAKGMKGAIQKAEEIVASNPEKYLLLQQFSNPANPEIHEKT
TGPEIWEDTDGQVDVFIAGVGTGGTLTGVSRYIKGTKGKTDLISVAVEPTDSPVIAQALAGEEIKPGPHKIQGIGAGFIP
ANLDLKLVDKVIGITNEEAISTARRLMEEEGILAGISSGAAVAAALKLQEDESFTNKNIVVILPSSGERYLSTALFADLF
TEKELQQ
;
E,A
2 'polypeptide(L)'
;MAKSHHHHHHTSVENNALSLVARGCAVAAPCRTKVAEQLLEIGAKAGMAGLAGAAVKDMADRMTSDELEHLITLQMMGND
EITTKYLSSLHDKYGSGAASNPNIGKDLTDAEKVELGGSGSGTGTPPPSENDPKQQNEKTVDKLNQKQESAIKKIDNTIK
NALKDHDIIGTLKDMDGKPVPKENGGYWDAMQEMQNTLRGLRNHADTLKNVNNPEAQAAYGRATDAINKIESALKGYGI
;
F,B
#
# COMPACT_ATOMS: atom_id res chain seq x y z
N GLY A 2 27.77 0.94 -8.81
CA GLY A 2 26.36 1.05 -8.45
C GLY A 2 26.07 0.67 -7.00
N LYS A 3 24.85 0.16 -6.76
CA LYS A 3 24.48 -0.20 -5.38
C LYS A 3 23.70 -1.52 -5.26
N ILE A 4 24.24 -2.43 -4.44
CA ILE A 4 23.50 -3.59 -3.96
C ILE A 4 23.29 -3.45 -2.46
N PHE A 5 22.04 -3.33 -2.02
CA PHE A 5 21.74 -3.24 -0.58
C PHE A 5 21.80 -4.62 0.07
N GLU A 6 22.45 -4.73 1.22
CA GLU A 6 22.59 -6.06 1.81
C GLU A 6 21.28 -6.59 2.40
N ASP A 7 20.41 -5.69 2.83
CA ASP A 7 19.05 -6.05 3.24
C ASP A 7 18.16 -4.84 3.09
N ASN A 8 16.85 -5.04 3.14
CA ASN A 8 15.91 -3.97 2.81
C ASN A 8 15.96 -2.73 3.76
N SER A 9 16.47 -2.91 4.98
CA SER A 9 16.55 -1.77 5.93
C SER A 9 17.50 -0.67 5.45
N LEU A 10 18.43 -1.03 4.58
CA LEU A 10 19.42 -0.11 4.06
C LEU A 10 18.87 0.69 2.88
N THR A 11 17.64 0.41 2.48
CA THR A 11 17.07 1.11 1.32
C THR A 11 16.29 2.35 1.71
N ILE A 12 16.32 2.69 3.01
CA ILE A 12 15.51 3.79 3.52
C ILE A 12 15.98 5.11 2.91
N GLY A 13 15.07 6.05 2.80
CA GLY A 13 15.41 7.42 2.43
C GLY A 13 15.39 7.76 0.95
N HIS A 14 15.97 8.93 0.66
CA HIS A 14 16.07 9.45 -0.70
C HIS A 14 14.68 9.49 -1.35
N THR A 15 13.70 9.76 -0.50
CA THR A 15 12.35 10.07 -0.88
C THR A 15 12.31 11.33 -1.69
N PRO A 16 11.42 11.37 -2.69
CA PRO A 16 11.38 12.53 -3.59
C PRO A 16 10.69 13.74 -2.99
N LEU A 17 11.10 14.91 -3.47
CA LEU A 17 10.50 16.15 -3.09
C LEU A 17 9.75 16.66 -4.29
N VAL A 18 8.44 16.82 -4.14
CA VAL A 18 7.58 17.11 -5.29
C VAL A 18 6.84 18.42 -5.10
N ARG A 19 6.86 19.26 -6.14
CA ARG A 19 6.11 20.51 -6.15
C ARG A 19 4.62 20.25 -6.27
N LEU A 20 3.83 20.87 -5.38
CA LEU A 20 2.38 20.79 -5.52
C LEU A 20 1.95 21.91 -6.45
N ASN A 21 1.41 21.53 -7.60
CA ASN A 21 1.00 22.49 -8.62
C ASN A 21 -0.40 23.08 -8.49
N ARG A 22 -1.38 22.24 -8.19
CA ARG A 22 -2.76 22.71 -8.07
C ARG A 22 -3.14 22.99 -6.62
N ILE A 23 -2.23 22.71 -5.68
CA ILE A 23 -2.49 23.01 -4.27
C ILE A 23 -1.51 24.09 -3.81
N GLY A 24 -2.06 25.21 -3.37
CA GLY A 24 -1.22 26.35 -3.03
C GLY A 24 -0.74 27.06 -4.29
N ASN A 25 0.29 27.89 -4.12
CA ASN A 25 0.77 28.76 -5.18
C ASN A 25 1.96 28.19 -5.95
N GLY A 26 2.38 26.98 -5.59
CA GLY A 26 3.47 26.34 -6.28
C GLY A 26 4.77 26.40 -5.51
N ARG A 27 4.72 26.96 -4.30
CA ARG A 27 5.92 26.97 -3.48
C ARG A 27 5.90 25.88 -2.43
N ILE A 28 4.82 25.09 -2.39
CA ILE A 28 4.74 23.97 -1.45
C ILE A 28 5.42 22.75 -2.02
N LEU A 29 6.46 22.31 -1.34
CA LEU A 29 7.23 21.17 -1.78
C LEU A 29 6.98 20.04 -0.80
N ALA A 30 6.42 18.96 -1.31
CA ALA A 30 5.99 17.85 -0.48
C ALA A 30 6.98 16.68 -0.57
N LYS A 31 7.53 16.29 0.57
CA LYS A 31 8.43 15.16 0.65
C LYS A 31 7.62 13.91 0.90
N VAL A 32 7.67 13.00 -0.06
CA VAL A 32 6.78 11.86 -0.07
C VAL A 32 7.49 10.73 0.66
N GLU A 33 7.06 10.47 1.89
CA GLU A 33 7.82 9.57 2.75
C GLU A 33 7.22 8.19 2.70
N SER A 34 6.19 8.03 1.88
CA SER A 34 5.65 6.69 1.64
C SER A 34 6.54 5.95 0.61
N ARG A 35 7.51 6.65 0.02
CA ARG A 35 8.44 5.93 -0.81
C ARG A 35 9.54 5.49 0.14
N ASN A 36 9.32 4.32 0.73
CA ASN A 36 10.19 3.77 1.75
C ASN A 36 9.92 2.27 1.76
N PRO A 37 10.85 1.46 2.27
CA PRO A 37 10.64 0.00 2.28
C PRO A 37 9.30 -0.50 2.87
N SER A 38 8.84 -0.04 4.03
CA SER A 38 7.47 -0.35 4.52
C SER A 38 6.47 0.80 4.25
N PHE A 39 6.91 1.78 3.46
CA PHE A 39 6.02 2.84 2.91
C PHE A 39 5.48 3.89 3.90
N SER A 40 6.31 4.27 4.86
CA SER A 40 5.97 5.38 5.75
C SER A 40 7.24 6.06 6.20
N VAL A 41 7.10 7.26 6.72
CA VAL A 41 8.24 8.00 7.25
C VAL A 41 8.92 7.21 8.39
N CYS A 43 9.71 4.10 8.52
CA CYS A 43 10.73 3.17 8.04
C CYS A 43 12.11 3.61 8.49
N ARG A 44 12.30 4.92 8.49
CA ARG A 44 13.57 5.50 8.84
C ARG A 44 13.95 5.17 10.27
N ILE A 45 12.99 5.22 11.19
CA ILE A 45 13.32 4.94 12.58
C ILE A 45 13.17 3.45 12.91
N GLY A 46 12.50 2.69 12.08
CA GLY A 46 12.41 1.27 12.35
C GLY A 46 13.79 0.70 12.15
N ALA A 47 14.48 1.20 11.12
CA ALA A 47 15.82 0.75 10.84
C ALA A 47 16.82 1.21 11.91
N ASN A 48 17.03 2.51 12.02
CA ASN A 48 18.09 3.02 12.88
C ASN A 48 17.84 2.84 14.38
N MET A 49 16.60 2.59 14.78
CA MET A 49 16.37 2.31 16.18
C MET A 49 16.98 0.94 16.46
N ILE A 50 16.90 0.05 15.47
CA ILE A 50 17.48 -1.28 15.55
C ILE A 50 19.01 -1.26 15.24
N TRP A 51 19.42 -0.51 14.22
CA TRP A 51 20.85 -0.31 13.95
C TRP A 51 21.61 0.15 15.20
N ASP A 52 21.12 1.25 15.78
CA ASP A 52 21.67 1.81 17.00
C ASP A 52 21.74 0.77 18.12
N ALA A 53 20.72 -0.07 18.23
CA ALA A 53 20.69 -1.08 19.28
C ALA A 53 21.81 -2.08 19.10
N GLU A 54 22.17 -2.35 17.85
CA GLU A 54 23.29 -3.24 17.54
C GLU A 54 24.61 -2.60 17.96
N LYS A 55 24.81 -1.36 17.52
CA LYS A 55 26.02 -0.61 17.82
C LYS A 55 26.27 -0.44 19.33
N ARG A 56 25.20 -0.26 20.11
CA ARG A 56 25.34 -0.09 21.56
C ARG A 56 25.57 -1.45 22.22
N GLY A 57 25.39 -2.52 21.44
CA GLY A 57 25.72 -3.87 21.89
C GLY A 57 24.65 -4.60 22.70
N VAL A 58 23.55 -3.92 22.98
CA VAL A 58 22.52 -4.51 23.85
C VAL A 58 21.76 -5.58 23.09
N LEU A 59 21.66 -5.38 21.78
CA LEU A 59 21.01 -6.35 20.91
C LEU A 59 22.07 -7.28 20.33
N LYS A 60 21.96 -8.55 20.71
CA LYS A 60 22.94 -9.59 20.41
C LYS A 60 22.18 -10.92 20.44
N PRO A 61 22.87 -12.05 20.16
CA PRO A 61 22.17 -13.35 20.15
C PRO A 61 21.24 -13.63 21.35
N GLY A 62 20.04 -14.10 21.04
CA GLY A 62 19.05 -14.43 22.05
C GLY A 62 18.13 -13.28 22.38
N VAL A 63 18.58 -12.05 22.12
CA VAL A 63 17.81 -10.87 22.46
C VAL A 63 16.73 -10.58 21.41
N GLU A 64 15.49 -10.43 21.88
CA GLU A 64 14.33 -10.17 21.02
C GLU A 64 13.85 -8.73 21.21
N LEU A 65 13.22 -8.19 20.17
CA LEU A 65 12.70 -6.82 20.21
C LEU A 65 11.23 -6.79 20.66
N VAL A 66 10.89 -5.73 21.40
CA VAL A 66 9.54 -5.48 21.89
C VAL A 66 9.18 -3.99 21.82
N GLU A 67 8.03 -3.67 21.21
CA GLU A 67 7.51 -2.30 21.29
C GLU A 67 5.97 -2.26 21.33
N PRO A 68 5.40 -1.38 22.19
CA PRO A 68 3.99 -1.07 22.03
C PRO A 68 3.77 -0.12 20.86
N THR A 69 2.98 -0.50 19.88
CA THR A 69 2.52 0.44 18.86
C THR A 69 1.29 -0.07 18.12
N SER A 70 0.32 0.80 17.86
CA SER A 70 -0.80 0.48 16.97
C SER A 70 -0.64 1.12 15.56
N GLY A 71 0.47 1.81 15.34
CA GLY A 71 0.67 2.58 14.13
C GLY A 71 1.72 2.03 13.18
N ASN A 72 2.26 2.91 12.36
CA ASN A 72 3.22 2.52 11.35
C ASN A 72 4.52 2.01 11.93
N THR A 73 4.85 2.45 13.13
CA THR A 73 6.09 2.04 13.75
C THR A 73 6.14 0.53 13.91
N GLY A 74 4.98 -0.09 14.14
CA GLY A 74 4.90 -1.54 14.14
C GLY A 74 5.30 -2.14 12.79
N ILE A 75 4.80 -1.55 11.70
CA ILE A 75 5.15 -2.01 10.37
C ILE A 75 6.65 -1.79 10.07
N ALA A 76 7.21 -0.66 10.49
CA ALA A 76 8.64 -0.41 10.26
C ALA A 76 9.54 -1.32 11.09
N LEU A 77 9.18 -1.60 12.33
CA LEU A 77 10.00 -2.51 13.12
C LEU A 77 9.86 -3.92 12.60
N ALA A 78 8.66 -4.29 12.17
CA ALA A 78 8.38 -5.64 11.69
C ALA A 78 9.21 -6.03 10.48
N TYR A 79 9.35 -5.12 9.53
CA TYR A 79 10.03 -5.50 8.29
C TYR A 79 11.55 -5.52 8.49
N VAL A 80 12.05 -4.64 9.36
CA VAL A 80 13.48 -4.58 9.66
C VAL A 80 13.91 -5.79 10.49
N ALA A 81 13.09 -6.19 11.45
CA ALA A 81 13.39 -7.39 12.20
C ALA A 81 13.37 -8.61 11.28
N ALA A 82 12.56 -8.56 10.22
CA ALA A 82 12.47 -9.67 9.29
C ALA A 82 13.72 -9.74 8.42
N ALA A 83 14.18 -8.58 7.98
CA ALA A 83 15.34 -8.47 7.09
C ALA A 83 16.69 -8.69 7.78
N ARG A 84 16.79 -8.31 9.05
CA ARG A 84 18.01 -8.50 9.82
C ARG A 84 17.95 -9.70 10.77
N GLY A 85 16.85 -10.45 10.72
CA GLY A 85 16.74 -11.70 11.44
C GLY A 85 16.59 -11.60 12.95
N TYR A 86 15.66 -10.76 13.40
CA TYR A 86 15.37 -10.64 14.82
C TYR A 86 13.96 -11.11 15.13
N LYS A 87 13.78 -11.56 16.36
CA LYS A 87 12.46 -11.93 16.85
C LYS A 87 11.77 -10.64 17.34
N LEU A 88 10.56 -10.36 16.83
CA LEU A 88 9.84 -9.15 17.19
C LEU A 88 8.49 -9.43 17.86
N THR A 89 8.22 -8.69 18.93
CA THR A 89 6.92 -8.75 19.56
C THR A 89 6.34 -7.34 19.68
N LEU A 90 5.11 -7.19 19.19
CA LEU A 90 4.42 -5.92 19.23
C LEU A 90 3.20 -6.02 20.15
N THR A 91 2.97 -5.00 20.96
CA THR A 91 1.76 -4.95 21.76
C THR A 91 0.87 -3.86 21.21
N MET A 92 -0.39 -4.18 20.97
CA MET A 92 -1.38 -3.17 20.64
C MET A 92 -2.74 -3.59 21.20
N PRO A 93 -3.64 -2.61 21.42
CA PRO A 93 -5.01 -2.97 21.81
C PRO A 93 -5.73 -3.82 20.78
N GLU A 94 -6.69 -4.62 21.23
CA GLU A 94 -7.41 -5.57 20.39
C GLU A 94 -8.32 -4.87 19.38
N THR A 95 -8.38 -3.55 19.44
CA THR A 95 -9.15 -2.76 18.46
C THR A 95 -8.56 -2.83 17.04
N MET A 96 -7.30 -3.27 16.94
CA MET A 96 -6.64 -3.37 15.66
C MET A 96 -7.41 -4.30 14.75
N SER A 97 -7.59 -3.89 13.50
CA SER A 97 -8.39 -4.65 12.54
C SER A 97 -7.66 -5.93 12.13
N ILE A 98 -8.44 -6.88 11.60
CA ILE A 98 -7.90 -8.12 11.10
C ILE A 98 -6.82 -7.85 10.08
N GLU A 99 -7.13 -7.02 9.10
CA GLU A 99 -6.24 -6.78 7.99
C GLU A 99 -4.91 -6.21 8.45
N ARG A 100 -4.95 -5.37 9.46
CA ARG A 100 -3.71 -4.81 9.93
C ARG A 100 -2.88 -5.88 10.67
N ARG A 101 -3.54 -6.76 11.41
CA ARG A 101 -2.88 -7.90 12.04
C ARG A 101 -2.18 -8.79 11.03
N LYS A 102 -2.90 -9.13 9.95
CA LYS A 102 -2.38 -9.95 8.87
C LYS A 102 -1.10 -9.35 8.30
N LEU A 103 -1.09 -8.04 8.15
CA LEU A 103 0.05 -7.38 7.55
C LEU A 103 1.28 -7.54 8.43
N LEU A 104 1.08 -7.46 9.75
CA LEU A 104 2.21 -7.58 10.65
C LEU A 104 2.69 -9.04 10.72
N LYS A 105 1.75 -9.99 10.72
CA LYS A 105 2.10 -11.41 10.81
C LYS A 105 2.89 -11.87 9.59
N ALA A 106 2.48 -11.41 8.41
CA ALA A 106 3.19 -11.78 7.17
C ALA A 106 4.63 -11.32 7.25
N LEU A 107 4.86 -10.25 8.00
CA LEU A 107 6.21 -9.75 8.15
C LEU A 107 6.89 -10.45 9.32
N GLY A 108 6.21 -11.41 9.92
CA GLY A 108 6.79 -12.25 10.97
C GLY A 108 6.81 -11.69 12.39
N ALA A 109 5.96 -10.70 12.67
CA ALA A 109 5.92 -10.12 14.00
C ALA A 109 5.06 -10.97 14.91
N ASN A 110 5.44 -11.05 16.18
CA ASN A 110 4.60 -11.68 17.18
C ASN A 110 3.70 -10.63 17.83
N LEU A 111 2.40 -10.87 17.74
CA LEU A 111 1.42 -9.88 18.15
C LEU A 111 0.79 -10.25 19.47
N VAL A 112 0.80 -9.30 20.40
CA VAL A 112 0.08 -9.46 21.65
C VAL A 112 -1.02 -8.42 21.78
N LEU A 113 -2.27 -8.86 21.69
CA LEU A 113 -3.39 -7.93 21.75
C LEU A 113 -3.84 -7.72 23.20
N THR A 114 -3.75 -6.47 23.65
CA THR A 114 -4.12 -6.14 25.02
C THR A 114 -5.58 -5.70 25.11
N GLU A 115 -6.06 -5.47 26.34
CA GLU A 115 -7.48 -5.25 26.54
C GLU A 115 -7.92 -3.88 26.01
N GLY A 116 -8.95 -3.89 25.17
CA GLY A 116 -9.40 -2.72 24.44
C GLY A 116 -9.73 -1.49 25.27
N ALA A 117 -10.44 -1.68 26.36
CA ALA A 117 -10.82 -0.55 27.20
C ALA A 117 -9.60 0.05 27.91
N LYS A 118 -8.58 -0.76 28.17
CA LYS A 118 -7.35 -0.27 28.79
C LYS A 118 -6.60 0.61 27.80
N GLY A 119 -6.93 0.46 26.52
CA GLY A 119 -6.38 1.29 25.47
C GLY A 119 -4.89 1.12 25.27
N MET A 120 -4.25 2.23 24.92
CA MET A 120 -2.82 2.25 24.59
C MET A 120 -1.95 2.06 25.82
N LYS A 121 -2.41 2.49 26.99
CA LYS A 121 -1.67 2.24 28.22
C LYS A 121 -1.64 0.73 28.49
N GLY A 122 -2.72 0.02 28.16
CA GLY A 122 -2.73 -1.42 28.29
C GLY A 122 -1.58 -2.07 27.53
N ALA A 123 -1.37 -1.62 26.30
CA ALA A 123 -0.29 -2.15 25.48
C ALA A 123 1.09 -1.78 26.06
N ILE A 124 1.25 -0.52 26.42
CA ILE A 124 2.51 -0.06 27.01
C ILE A 124 2.83 -0.82 28.31
N GLN A 125 1.80 -1.11 29.09
CA GLN A 125 1.97 -1.92 30.29
C GLN A 125 2.46 -3.32 29.95
N LYS A 126 1.71 -4.02 29.08
CA LYS A 126 2.07 -5.40 28.72
C LYS A 126 3.48 -5.47 28.17
N ALA A 127 3.87 -4.45 27.41
CA ALA A 127 5.19 -4.41 26.84
C ALA A 127 6.24 -4.38 27.94
N GLU A 128 5.97 -3.60 28.98
CA GLU A 128 6.92 -3.47 30.07
C GLU A 128 6.97 -4.73 30.92
N GLU A 129 5.83 -5.40 31.03
CA GLU A 129 5.72 -6.65 31.78
C GLU A 129 6.50 -7.77 31.09
N ILE A 130 6.45 -7.78 29.76
CA ILE A 130 7.17 -8.76 28.97
C ILE A 130 8.68 -8.55 29.14
N VAL A 131 9.14 -7.31 29.03
CA VAL A 131 10.55 -7.02 29.23
C VAL A 131 10.92 -7.33 30.69
N ALA A 132 9.97 -7.11 31.59
CA ALA A 132 10.20 -7.35 33.02
C ALA A 132 10.35 -8.83 33.33
N SER A 133 9.69 -9.69 32.54
CA SER A 133 9.76 -11.13 32.78
C SER A 133 11.17 -11.70 32.51
N ASN A 134 11.87 -11.14 31.53
CA ASN A 134 13.24 -11.54 31.23
C ASN A 134 14.09 -10.38 30.69
N PRO A 135 14.50 -9.46 31.56
CA PRO A 135 15.24 -8.25 31.15
C PRO A 135 16.49 -8.49 30.29
N GLU A 136 17.04 -9.70 30.34
CA GLU A 136 18.21 -10.10 29.57
C GLU A 136 17.84 -10.43 28.13
N LYS A 137 16.68 -11.08 27.97
CA LYS A 137 16.20 -11.51 26.67
C LYS A 137 15.55 -10.40 25.83
N TYR A 138 14.79 -9.51 26.47
CA TYR A 138 13.95 -8.57 25.72
C TYR A 138 14.52 -7.18 25.67
N LEU A 139 14.28 -6.50 24.55
CA LEU A 139 14.76 -5.13 24.34
C LEU A 139 13.63 -4.25 23.84
N LEU A 140 13.38 -3.17 24.60
CA LEU A 140 12.31 -2.22 24.30
C LEU A 140 12.88 -1.02 23.53
N LEU A 141 12.28 -0.72 22.38
CA LEU A 141 12.83 0.31 21.48
C LEU A 141 12.49 1.75 21.92
N GLN A 142 11.29 1.92 22.48
CA GLN A 142 10.83 3.21 23.03
C GLN A 142 10.85 4.40 22.06
N GLN A 143 9.95 4.37 21.09
CA GLN A 143 9.97 5.33 19.98
C GLN A 143 9.80 6.80 20.38
N PHE A 144 9.20 7.06 21.53
CA PHE A 144 8.96 8.45 21.94
C PHE A 144 10.16 9.12 22.60
N SER A 145 10.99 8.32 23.28
CA SER A 145 12.14 8.83 24.04
C SER A 145 13.45 8.57 23.25
N ASN A 146 13.65 7.33 22.78
CA ASN A 146 14.89 6.90 22.14
C ASN A 146 15.43 7.87 21.09
N PRO A 147 16.64 8.40 21.33
CA PRO A 147 17.28 9.43 20.50
C PRO A 147 17.66 9.00 19.10
N ALA A 148 17.64 7.70 18.84
CA ALA A 148 17.89 7.19 17.49
C ALA A 148 16.85 7.73 16.52
N ASN A 149 15.63 7.90 17.04
CA ASN A 149 14.51 8.41 16.27
C ASN A 149 14.81 9.80 15.63
N PRO A 150 15.08 10.85 16.43
CA PRO A 150 15.40 12.06 15.66
C PRO A 150 16.72 11.97 14.91
N GLU A 151 17.65 11.16 15.40
CA GLU A 151 18.97 11.08 14.76
C GLU A 151 18.96 10.79 13.23
N ILE A 152 18.13 9.86 12.71
CA ILE A 152 18.20 9.60 11.26
C ILE A 152 17.73 10.79 10.49
N HIS A 153 16.76 11.51 11.08
CA HIS A 153 16.15 12.62 10.37
C HIS A 153 17.20 13.69 10.26
N GLU A 154 18.07 13.72 11.25
CA GLU A 154 19.21 14.60 11.20
C GLU A 154 20.28 14.06 10.23
N LYS A 155 20.44 12.74 10.19
CA LYS A 155 21.44 12.15 9.30
C LYS A 155 20.95 11.99 7.85
N THR A 156 19.65 11.80 7.65
CA THR A 156 19.14 11.51 6.30
C THR A 156 18.03 12.48 5.87
N THR A 157 16.89 12.45 6.57
CA THR A 157 15.74 13.26 6.18
C THR A 157 16.15 14.72 6.00
N GLY A 158 16.85 15.27 6.98
CA GLY A 158 17.29 16.66 6.93
C GLY A 158 18.22 16.98 5.76
N PRO A 159 19.36 16.28 5.69
CA PRO A 159 20.32 16.40 4.58
C PRO A 159 19.65 16.36 3.21
N GLU A 160 18.67 15.48 3.02
CA GLU A 160 18.00 15.39 1.72
C GLU A 160 17.25 16.67 1.37
N ILE A 161 16.52 17.17 2.37
CA ILE A 161 15.76 18.39 2.22
C ILE A 161 16.69 19.54 1.90
N TRP A 162 17.83 19.58 2.58
CA TRP A 162 18.82 20.60 2.32
C TRP A 162 19.32 20.49 0.88
N GLU A 163 19.84 19.31 0.52
CA GLU A 163 20.39 19.08 -0.82
C GLU A 163 19.38 19.33 -1.94
N ASP A 164 18.20 18.74 -1.84
CA ASP A 164 17.24 18.84 -2.94
C ASP A 164 16.77 20.27 -3.13
N THR A 165 16.75 21.07 -2.07
CA THR A 165 16.35 22.48 -2.16
C THR A 165 17.56 23.41 -2.38
N ASP A 166 18.77 22.83 -2.28
CA ASP A 166 20.02 23.59 -2.35
C ASP A 166 20.02 24.76 -1.35
N GLY A 167 19.75 24.43 -0.08
CA GLY A 167 19.79 25.36 1.03
C GLY A 167 18.71 26.41 1.04
N GLN A 168 17.79 26.37 0.08
CA GLN A 168 16.80 27.44 -0.08
C GLN A 168 15.46 27.17 0.60
N VAL A 169 15.36 26.11 1.39
CA VAL A 169 14.16 25.91 2.19
C VAL A 169 14.03 27.06 3.20
N ASP A 170 12.81 27.61 3.31
CA ASP A 170 12.47 28.70 4.23
C ASP A 170 11.64 28.20 5.41
N VAL A 171 10.50 27.58 5.11
CA VAL A 171 9.68 26.95 6.13
C VAL A 171 9.67 25.42 6.03
N PHE A 172 9.85 24.75 7.17
CA PHE A 172 9.69 23.30 7.23
C PHE A 172 8.48 22.90 8.10
N ILE A 173 7.52 22.20 7.46
CA ILE A 173 6.28 21.79 8.11
C ILE A 173 6.15 20.26 8.28
N ALA A 174 5.98 19.82 9.52
CA ALA A 174 5.77 18.40 9.84
C ALA A 174 4.79 18.19 10.99
N GLY A 175 3.87 17.25 10.80
CA GLY A 175 2.99 16.80 11.85
C GLY A 175 3.85 16.07 12.86
N VAL A 176 3.43 16.10 14.11
CA VAL A 176 4.20 15.53 15.19
C VAL A 176 3.50 14.33 15.78
N GLY A 177 4.00 13.13 15.48
CA GLY A 177 3.70 11.96 16.28
C GLY A 177 4.66 11.65 17.41
N THR A 178 5.93 11.44 17.06
CA THR A 178 6.99 11.32 18.07
C THR A 178 7.78 12.59 18.18
N GLY A 179 7.62 13.43 17.15
CA GLY A 179 8.41 14.62 16.99
C GLY A 179 9.77 14.41 16.34
N GLY A 180 10.17 13.16 16.14
CA GLY A 180 11.50 12.87 15.63
C GLY A 180 11.88 13.55 14.32
N THR A 181 10.99 13.46 13.33
CA THR A 181 11.20 14.14 12.05
C THR A 181 11.47 15.63 12.24
N LEU A 182 10.53 16.29 12.89
CA LEU A 182 10.60 17.74 13.09
C LEU A 182 11.88 18.07 13.83
N THR A 183 12.09 17.41 14.96
CA THR A 183 13.29 17.64 15.77
C THR A 183 14.57 17.45 14.96
N GLY A 184 14.75 16.26 14.37
CA GLY A 184 15.99 15.93 13.68
C GLY A 184 16.27 16.77 12.44
N VAL A 185 15.25 17.00 11.62
CA VAL A 185 15.41 17.82 10.42
C VAL A 185 15.81 19.25 10.80
N SER A 186 15.05 19.86 11.70
CA SER A 186 15.34 21.21 12.14
C SER A 186 16.73 21.30 12.75
N ARG A 187 17.12 20.24 13.46
CA ARG A 187 18.42 20.16 14.10
C ARG A 187 19.54 20.12 13.06
N TYR A 188 19.24 19.58 11.88
CA TYR A 188 20.22 19.55 10.81
C TYR A 188 20.31 20.90 10.14
N ILE A 189 19.15 21.45 9.77
CA ILE A 189 19.13 22.67 8.98
C ILE A 189 19.50 23.91 9.81
N LYS A 190 18.92 24.01 11.00
CA LYS A 190 19.28 25.10 11.90
C LYS A 190 20.68 24.89 12.46
N GLY A 191 20.91 23.73 13.07
CA GLY A 191 22.17 23.48 13.75
C GLY A 191 23.39 23.29 12.87
N THR A 192 23.33 22.29 12.00
CA THR A 192 24.52 21.84 11.30
C THR A 192 24.84 22.74 10.11
N LYS A 193 23.82 23.20 9.38
CA LYS A 193 24.06 24.10 8.26
C LYS A 193 23.95 25.56 8.69
N GLY A 194 23.71 25.76 9.99
CA GLY A 194 23.69 27.07 10.60
C GLY A 194 22.64 28.06 10.09
N LYS A 195 21.51 27.55 9.59
CA LYS A 195 20.45 28.46 9.17
C LYS A 195 19.40 28.54 10.26
N THR A 196 19.45 29.62 11.03
CA THR A 196 18.53 29.77 12.15
C THR A 196 17.29 30.52 11.72
N ASP A 197 17.35 31.12 10.54
CA ASP A 197 16.18 31.69 9.87
C ASP A 197 15.00 30.73 9.77
N LEU A 198 15.29 29.45 9.53
CA LEU A 198 14.28 28.46 9.17
C LEU A 198 13.13 28.46 10.17
N ILE A 199 11.92 28.48 9.64
CA ILE A 199 10.73 28.36 10.46
C ILE A 199 10.33 26.88 10.52
N SER A 200 10.47 26.27 11.69
CA SER A 200 9.95 24.93 11.92
C SER A 200 8.52 25.02 12.47
N VAL A 201 7.58 24.38 11.77
CA VAL A 201 6.17 24.41 12.13
C VAL A 201 5.67 23.02 12.45
N ALA A 202 5.25 22.80 13.68
CA ALA A 202 4.63 21.53 14.05
C ALA A 202 3.16 21.56 13.66
N VAL A 203 2.63 20.39 13.33
CA VAL A 203 1.22 20.27 13.02
C VAL A 203 0.60 19.28 13.97
N GLU A 204 -0.51 19.67 14.60
CA GLU A 204 -1.22 18.75 15.50
C GLU A 204 -2.72 18.84 15.18
N PRO A 205 -3.55 17.96 15.77
CA PRO A 205 -5.01 18.11 15.52
C PRO A 205 -5.61 19.21 16.40
N THR A 206 -6.71 19.81 15.98
CA THR A 206 -7.35 20.82 16.83
C THR A 206 -7.99 20.16 18.06
N ASP A 207 -8.32 18.88 17.94
CA ASP A 207 -9.01 18.14 19.00
C ASP A 207 -8.07 17.58 20.07
N SER A 208 -6.76 17.65 19.82
CA SER A 208 -5.74 17.32 20.83
C SER A 208 -4.54 18.26 20.70
N PRO A 209 -4.74 19.55 21.02
CA PRO A 209 -3.80 20.61 20.65
C PRO A 209 -2.72 20.85 21.71
N VAL A 210 -2.01 19.80 22.10
CA VAL A 210 -1.13 19.89 23.24
C VAL A 210 0.13 20.75 22.98
N ILE A 211 0.57 20.85 21.73
CA ILE A 211 1.74 21.67 21.45
C ILE A 211 1.38 23.15 21.60
N ALA A 212 0.15 23.50 21.23
CA ALA A 212 -0.31 24.88 21.37
C ALA A 212 -0.53 25.19 22.84
N GLN A 213 -0.95 24.19 23.59
CA GLN A 213 -1.20 24.38 25.00
C GLN A 213 0.12 24.58 25.74
N ALA A 214 1.12 23.82 25.30
CA ALA A 214 2.44 23.84 25.91
C ALA A 214 3.17 25.15 25.61
N LEU A 215 3.02 25.66 24.40
CA LEU A 215 3.72 26.87 24.02
C LEU A 215 3.06 28.12 24.61
N ALA A 216 1.83 27.96 25.11
CA ALA A 216 1.10 29.03 25.77
C ALA A 216 1.16 28.93 27.30
N GLY A 217 1.85 27.91 27.81
CA GLY A 217 1.90 27.69 29.24
C GLY A 217 0.58 27.19 29.83
N GLU A 218 -0.33 26.82 28.95
CA GLU A 218 -1.63 26.30 29.37
C GLU A 218 -1.48 24.87 29.85
N GLU A 219 -2.48 24.40 30.61
CA GLU A 219 -2.58 23.01 31.05
C GLU A 219 -2.73 22.08 29.83
N ILE A 220 -2.23 20.84 29.93
CA ILE A 220 -2.29 19.88 28.83
C ILE A 220 -3.59 19.07 28.84
N LYS A 221 -4.41 19.26 27.80
CA LYS A 221 -5.75 18.68 27.72
C LYS A 221 -5.96 18.01 26.35
N PRO A 222 -5.53 16.75 26.23
CA PRO A 222 -5.62 15.96 25.00
C PRO A 222 -7.01 15.42 24.74
N GLY A 223 -7.30 15.09 23.48
CA GLY A 223 -8.59 14.52 23.15
C GLY A 223 -8.44 13.58 21.99
N PRO A 224 -9.51 12.84 21.67
CA PRO A 224 -9.57 11.98 20.49
C PRO A 224 -9.73 12.79 19.23
N HIS A 225 -9.04 12.34 18.19
CA HIS A 225 -8.98 12.99 16.87
C HIS A 225 -8.87 11.90 15.80
N LYS A 226 -9.08 12.29 14.54
CA LYS A 226 -9.02 11.36 13.43
C LYS A 226 -7.69 11.36 12.66
N ILE A 227 -6.70 12.16 13.08
CA ILE A 227 -5.51 12.21 12.23
C ILE A 227 -4.45 11.18 12.69
N GLN A 228 -4.42 10.04 11.99
CA GLN A 228 -3.68 8.90 12.49
C GLN A 228 -2.22 9.13 12.18
N GLY A 229 -1.38 8.89 13.17
CA GLY A 229 0.04 9.11 13.06
C GLY A 229 0.58 10.32 13.81
N ILE A 230 -0.27 11.30 14.11
CA ILE A 230 0.16 12.43 14.92
C ILE A 230 -0.78 12.60 16.09
N GLY A 231 -0.62 13.67 16.85
CA GLY A 231 -1.53 13.91 17.95
C GLY A 231 -1.34 12.88 19.04
N ALA A 232 -0.12 12.81 19.55
CA ALA A 232 0.20 11.85 20.57
C ALA A 232 -0.59 12.07 21.87
N GLY A 233 -0.98 13.32 22.12
CA GLY A 233 -1.68 13.67 23.36
C GLY A 233 -0.77 14.00 24.54
N PHE A 234 0.51 14.19 24.26
CA PHE A 234 1.47 14.67 25.24
C PHE A 234 2.69 15.22 24.53
N ILE A 235 3.63 15.79 25.27
CA ILE A 235 4.84 16.30 24.63
C ILE A 235 5.89 15.21 24.71
N PRO A 236 6.14 14.56 23.56
CA PRO A 236 7.02 13.40 23.59
C PRO A 236 8.44 13.89 23.78
N ALA A 237 9.27 13.10 24.45
CA ALA A 237 10.65 13.48 24.72
C ALA A 237 11.46 13.80 23.45
N ASN A 238 11.05 13.22 22.33
CA ASN A 238 11.76 13.40 21.05
C ASN A 238 11.27 14.60 20.29
N LEU A 239 10.36 15.35 20.91
CA LEU A 239 10.02 16.67 20.41
C LEU A 239 10.79 17.70 21.22
N ASP A 240 11.72 18.38 20.57
CA ASP A 240 12.49 19.47 21.17
C ASP A 240 11.83 20.80 20.82
N LEU A 241 11.21 21.43 21.80
CA LEU A 241 10.43 22.65 21.54
C LEU A 241 11.32 23.85 21.24
N LYS A 242 12.59 23.77 21.62
CA LYS A 242 13.50 24.89 21.37
C LYS A 242 13.69 25.07 19.88
N LEU A 243 13.42 24.01 19.10
CA LEU A 243 13.53 24.11 17.66
C LEU A 243 12.20 24.48 16.98
N VAL A 244 11.10 24.44 17.73
CA VAL A 244 9.77 24.67 17.15
C VAL A 244 9.38 26.14 17.17
N ASP A 245 9.25 26.73 15.97
CA ASP A 245 8.96 28.15 15.85
C ASP A 245 7.47 28.48 15.93
N LYS A 246 6.63 27.46 15.78
CA LYS A 246 5.22 27.69 15.51
C LYS A 246 4.46 26.36 15.46
N VAL A 247 3.16 26.40 15.67
CA VAL A 247 2.34 25.19 15.59
C VAL A 247 0.98 25.51 15.03
N ILE A 248 0.53 24.69 14.08
CA ILE A 248 -0.77 24.90 13.43
C ILE A 248 -1.68 23.71 13.69
N GLY A 249 -2.85 23.98 14.27
CA GLY A 249 -3.82 22.94 14.53
C GLY A 249 -4.73 22.74 13.37
N ILE A 250 -5.08 21.48 13.09
CA ILE A 250 -5.88 21.17 11.91
C ILE A 250 -7.07 20.33 12.31
N THR A 251 -8.22 20.61 11.71
CA THR A 251 -9.44 19.88 12.02
C THR A 251 -9.49 18.55 11.28
N ASN A 252 -10.22 17.58 11.82
CA ASN A 252 -10.39 16.29 11.15
C ASN A 252 -10.78 16.45 9.68
N GLU A 253 -11.76 17.34 9.44
CA GLU A 253 -12.28 17.54 8.10
C GLU A 253 -11.27 18.19 7.15
N GLU A 254 -10.44 19.07 7.69
CA GLU A 254 -9.46 19.77 6.88
C GLU A 254 -8.43 18.78 6.39
N ALA A 255 -8.05 17.85 7.26
CA ALA A 255 -7.01 16.91 6.90
C ALA A 255 -7.53 15.92 5.86
N ILE A 256 -8.76 15.46 6.07
CA ILE A 256 -9.33 14.45 5.18
C ILE A 256 -9.58 15.06 3.81
N SER A 257 -10.08 16.29 3.77
CA SER A 257 -10.42 16.90 2.49
C SER A 257 -9.16 17.19 1.70
N THR A 258 -8.09 17.55 2.41
CA THR A 258 -6.85 17.93 1.77
C THR A 258 -6.07 16.69 1.36
N ALA A 259 -6.27 15.60 2.10
CA ALA A 259 -5.68 14.35 1.69
C ALA A 259 -6.28 13.97 0.35
N ARG A 260 -7.59 14.12 0.24
CA ARG A 260 -8.22 13.77 -1.02
C ARG A 260 -7.77 14.65 -2.18
N ARG A 261 -7.41 15.89 -1.87
CA ARG A 261 -6.97 16.80 -2.92
C ARG A 261 -5.60 16.34 -3.40
N LEU A 262 -4.79 15.81 -2.50
CA LEU A 262 -3.46 15.35 -2.88
C LEU A 262 -3.54 14.19 -3.87
N MET A 263 -4.47 13.28 -3.63
CA MET A 263 -4.59 12.13 -4.51
C MET A 263 -5.21 12.55 -5.86
N GLU A 264 -6.27 13.35 -5.81
CA GLU A 264 -6.99 13.67 -7.04
C GLU A 264 -6.35 14.76 -7.89
N GLU A 265 -5.88 15.82 -7.26
CA GLU A 265 -5.22 16.92 -7.96
C GLU A 265 -3.71 16.76 -8.19
N GLU A 266 -2.98 16.09 -7.30
CA GLU A 266 -1.53 15.89 -7.50
C GLU A 266 -1.05 14.49 -7.92
N GLY A 267 -1.94 13.50 -7.91
CA GLY A 267 -1.54 12.12 -8.13
C GLY A 267 -0.74 11.48 -6.99
N ILE A 268 -0.84 12.06 -5.80
CA ILE A 268 -0.07 11.59 -4.66
C ILE A 268 -0.95 10.86 -3.65
N LEU A 269 -0.69 9.57 -3.45
CA LEU A 269 -1.45 8.80 -2.50
C LEU A 269 -1.14 9.34 -1.12
N ALA A 270 -2.16 9.68 -0.34
CA ALA A 270 -1.91 10.36 0.93
C ALA A 270 -2.90 9.91 1.98
N GLY A 271 -2.40 9.67 3.18
CA GLY A 271 -3.26 9.41 4.32
C GLY A 271 -3.61 10.72 5.03
N ILE A 272 -4.50 10.62 6.01
CA ILE A 272 -4.98 11.79 6.73
C ILE A 272 -3.87 12.74 7.20
N SER A 273 -2.80 12.21 7.79
CA SER A 273 -1.79 13.10 8.35
C SER A 273 -1.08 13.89 7.25
N SER A 274 -1.10 13.34 6.03
CA SER A 274 -0.48 14.02 4.90
C SER A 274 -1.34 15.20 4.47
N GLY A 275 -2.65 15.04 4.61
CA GLY A 275 -3.55 16.13 4.25
C GLY A 275 -3.41 17.21 5.32
N ALA A 276 -3.18 16.78 6.55
CA ALA A 276 -3.09 17.69 7.65
C ALA A 276 -1.92 18.63 7.47
N ALA A 277 -0.76 18.07 7.14
CA ALA A 277 0.45 18.88 7.02
C ALA A 277 0.36 19.84 5.83
N VAL A 278 -0.22 19.38 4.73
CA VAL A 278 -0.37 20.23 3.57
C VAL A 278 -1.42 21.33 3.83
N ALA A 279 -2.43 21.03 4.64
CA ALA A 279 -3.43 22.05 4.97
C ALA A 279 -2.82 23.15 5.85
N ALA A 280 -1.88 22.76 6.70
CA ALA A 280 -1.13 23.74 7.48
C ALA A 280 -0.35 24.66 6.53
N ALA A 281 0.30 24.09 5.53
CA ALA A 281 1.01 24.91 4.56
C ALA A 281 0.05 25.84 3.87
N LEU A 282 -1.18 25.39 3.64
CA LEU A 282 -2.17 26.23 3.01
C LEU A 282 -2.62 27.36 3.92
N LYS A 283 -2.70 27.12 5.22
CA LYS A 283 -3.14 28.14 6.14
C LYS A 283 -2.04 29.18 6.29
N LEU A 284 -0.80 28.70 6.21
CA LEU A 284 0.34 29.59 6.32
C LEU A 284 0.42 30.57 5.13
N GLN A 285 -0.12 30.18 3.99
CA GLN A 285 -0.06 31.03 2.79
C GLN A 285 -1.17 32.08 2.81
N GLU A 286 -2.02 32.04 3.83
CA GLU A 286 -3.08 33.02 3.97
C GLU A 286 -2.48 34.28 4.56
N ASP A 287 -1.55 34.07 5.51
CA ASP A 287 -0.65 35.11 5.99
C ASP A 287 0.24 35.51 4.81
N GLU A 288 0.28 36.80 4.49
CA GLU A 288 0.94 37.27 3.26
C GLU A 288 2.46 37.45 3.46
N SER A 289 2.93 37.26 4.68
CA SER A 289 4.36 37.30 4.94
C SER A 289 5.02 36.01 4.45
N PHE A 290 4.26 34.93 4.39
CA PHE A 290 4.81 33.63 3.97
C PHE A 290 4.55 33.27 2.51
N THR A 291 3.78 34.09 1.80
CA THR A 291 3.26 33.73 0.47
C THR A 291 4.38 33.47 -0.55
N ASN A 292 5.49 34.17 -0.41
CA ASN A 292 6.62 34.04 -1.33
C ASN A 292 7.74 33.09 -0.85
N LYS A 293 7.53 32.43 0.27
CA LYS A 293 8.57 31.60 0.87
C LYS A 293 8.46 30.13 0.42
N ASN A 294 9.61 29.45 0.33
CA ASN A 294 9.69 28.02 -0.01
C ASN A 294 9.34 27.11 1.17
N ILE A 295 8.28 26.32 1.02
CA ILE A 295 7.79 25.48 2.11
C ILE A 295 7.98 24.00 1.81
N VAL A 296 8.81 23.33 2.60
CA VAL A 296 8.92 21.87 2.50
C VAL A 296 8.01 21.23 3.55
N VAL A 297 7.06 20.42 3.09
CA VAL A 297 6.15 19.74 4.00
C VAL A 297 6.31 18.22 3.91
N ILE A 298 6.27 17.54 5.06
CA ILE A 298 6.41 16.08 5.12
C ILE A 298 5.08 15.37 4.85
N LEU A 299 5.16 14.29 4.08
CA LEU A 299 4.01 13.48 3.74
C LEU A 299 4.30 12.06 4.23
N PRO A 300 3.86 11.76 5.46
CA PRO A 300 4.27 10.52 6.14
C PRO A 300 3.75 9.17 5.57
N SER A 301 2.53 9.10 5.06
CA SER A 301 2.01 7.79 4.64
C SER A 301 1.16 7.85 3.40
N SER A 302 0.90 6.67 2.83
CA SER A 302 0.09 6.52 1.63
C SER A 302 -1.36 6.17 1.96
N GLY A 303 -2.32 6.72 1.21
CA GLY A 303 -3.72 6.48 1.52
C GLY A 303 -4.13 5.02 1.33
N GLU A 304 -3.35 4.28 0.57
CA GLU A 304 -3.71 2.91 0.33
C GLU A 304 -3.76 2.12 1.65
N ARG A 305 -2.98 2.56 2.64
CA ARG A 305 -2.90 1.84 3.91
C ARG A 305 -4.20 1.98 4.69
N TYR A 306 -4.90 3.06 4.36
CA TYR A 306 -6.11 3.52 5.00
C TYR A 306 -7.39 3.22 4.18
N LEU A 307 -7.23 2.39 3.14
CA LEU A 307 -8.29 2.15 2.15
C LEU A 307 -9.66 1.75 2.73
N SER A 308 -9.71 1.15 3.92
CA SER A 308 -11.00 0.76 4.50
C SER A 308 -11.60 1.84 5.39
N THR A 309 -10.93 2.97 5.52
CA THR A 309 -11.32 3.96 6.51
C THR A 309 -12.19 5.04 5.91
N ALA A 310 -12.52 6.06 6.70
CA ALA A 310 -13.41 7.11 6.22
C ALA A 310 -12.72 8.05 5.25
N LEU A 311 -11.40 7.90 5.12
CA LEU A 311 -10.65 8.72 4.19
C LEU A 311 -11.23 8.56 2.79
N PHE A 312 -11.74 7.37 2.48
CA PHE A 312 -12.47 7.14 1.23
C PHE A 312 -13.95 6.97 1.56
N ALA A 313 -14.77 8.00 1.33
CA ALA A 313 -16.17 7.93 1.76
C ALA A 313 -17.17 7.90 0.61
N ASP A 314 -17.23 8.99 -0.14
CA ASP A 314 -18.20 9.15 -1.23
C ASP A 314 -17.91 8.28 -2.48
N LEU A 315 -18.96 7.56 -2.90
CA LEU A 315 -18.98 6.84 -4.17
C LEU A 315 -19.91 7.50 -5.20
N LYS B 139 -10.68 25.02 61.57
CA LYS B 139 -11.23 23.86 60.87
C LYS B 139 -12.54 24.25 60.17
N THR B 140 -12.42 24.78 58.97
CA THR B 140 -13.57 25.29 58.23
C THR B 140 -14.07 24.26 57.21
N VAL B 141 -15.41 24.20 57.06
CA VAL B 141 -16.09 23.46 56.00
C VAL B 141 -17.28 24.28 55.50
N ASP B 142 -17.38 24.45 54.18
CA ASP B 142 -18.43 25.29 53.58
C ASP B 142 -19.58 24.45 53.04
N LYS B 143 -20.79 24.98 53.10
CA LYS B 143 -21.93 24.27 52.53
C LYS B 143 -21.88 24.35 51.00
N LEU B 144 -22.17 23.23 50.34
CA LEU B 144 -22.23 23.20 48.88
C LEU B 144 -23.50 23.93 48.41
N ASN B 145 -23.43 24.60 47.27
CA ASN B 145 -24.63 25.18 46.69
C ASN B 145 -25.24 24.23 45.64
N GLN B 146 -26.35 24.63 45.02
CA GLN B 146 -26.99 23.79 44.00
C GLN B 146 -26.01 23.50 42.87
N LYS B 147 -25.29 24.54 42.46
CA LYS B 147 -24.33 24.48 41.36
C LYS B 147 -23.29 23.40 41.62
N GLN B 148 -22.81 23.37 42.85
CA GLN B 148 -21.76 22.44 43.24
C GLN B 148 -22.32 21.05 43.47
N GLU B 149 -23.50 20.97 44.08
CA GLU B 149 -24.16 19.68 44.26
C GLU B 149 -24.53 19.06 42.90
N SER B 150 -24.80 19.91 41.93
CA SER B 150 -25.10 19.48 40.57
C SER B 150 -23.84 18.92 39.89
N ALA B 151 -22.74 19.62 40.08
CA ALA B 151 -21.47 19.20 39.50
C ALA B 151 -21.07 17.82 40.00
N ILE B 152 -21.33 17.56 41.28
CA ILE B 152 -20.99 16.27 41.87
C ILE B 152 -21.90 15.18 41.31
N LYS B 153 -23.15 15.54 41.05
CA LYS B 153 -24.15 14.59 40.59
C LYS B 153 -23.83 14.13 39.15
N LYS B 154 -23.57 15.13 38.32
CA LYS B 154 -23.23 14.92 36.93
C LYS B 154 -21.92 14.14 36.76
N ILE B 155 -20.94 14.42 37.61
CA ILE B 155 -19.67 13.73 37.54
C ILE B 155 -19.86 12.24 37.70
N ASP B 156 -20.58 11.83 38.73
CA ASP B 156 -20.73 10.41 38.98
C ASP B 156 -21.65 9.74 37.96
N ASN B 157 -22.55 10.53 37.38
CA ASN B 157 -23.42 10.02 36.33
C ASN B 157 -22.60 9.74 35.06
N THR B 158 -21.88 10.75 34.56
CA THR B 158 -21.17 10.56 33.31
C THR B 158 -20.07 9.52 33.49
N ILE B 159 -19.66 9.26 34.73
CA ILE B 159 -18.66 8.22 34.96
C ILE B 159 -19.30 6.85 34.80
N LYS B 160 -20.54 6.71 35.25
CA LYS B 160 -21.21 5.42 35.15
C LYS B 160 -21.70 5.12 33.72
N ASN B 161 -22.38 6.08 33.11
CA ASN B 161 -23.00 5.89 31.80
C ASN B 161 -22.12 6.13 30.56
N ALA B 162 -21.27 7.15 30.59
CA ALA B 162 -20.47 7.55 29.42
C ALA B 162 -19.04 7.01 29.41
N LEU B 163 -18.66 6.31 30.47
CA LEU B 163 -17.35 5.65 30.57
C LEU B 163 -17.35 4.15 30.45
N LYS B 164 -18.44 3.56 29.97
CA LYS B 164 -18.46 2.12 29.75
C LYS B 164 -17.37 1.73 28.75
N ASP B 165 -16.95 0.47 28.81
CA ASP B 165 -15.94 -0.06 27.90
C ASP B 165 -16.22 0.14 26.41
N HIS B 166 -17.46 -0.04 25.98
CA HIS B 166 -17.74 0.13 24.55
C HIS B 166 -17.71 1.62 24.17
N ASP B 167 -17.75 2.49 25.17
CA ASP B 167 -17.66 3.91 24.88
C ASP B 167 -16.19 4.23 24.55
N ILE B 168 -15.27 3.55 25.21
CA ILE B 168 -13.85 3.78 24.98
C ILE B 168 -13.37 3.06 23.71
N ILE B 169 -13.82 1.82 23.55
CA ILE B 169 -13.49 1.04 22.38
C ILE B 169 -14.01 1.75 21.14
N GLY B 170 -15.24 2.24 21.21
CA GLY B 170 -15.83 2.98 20.11
C GLY B 170 -15.00 4.19 19.74
N THR B 171 -14.53 4.90 20.74
CA THR B 171 -13.74 6.11 20.49
C THR B 171 -12.44 5.75 19.79
N LEU B 172 -11.85 4.62 20.17
CA LEU B 172 -10.58 4.20 19.60
C LEU B 172 -10.75 3.79 18.13
N LYS B 173 -11.85 3.12 17.84
CA LYS B 173 -12.10 2.66 16.50
C LYS B 173 -12.45 3.83 15.58
N ASP B 174 -13.13 4.85 16.12
CA ASP B 174 -13.39 6.08 15.39
C ASP B 174 -12.07 6.78 15.06
N MET B 175 -11.08 6.65 15.96
CA MET B 175 -9.77 7.30 15.75
C MET B 175 -9.00 6.60 14.62
N ASP B 176 -9.31 5.32 14.39
CA ASP B 176 -8.69 4.51 13.35
C ASP B 176 -9.45 4.68 12.05
N GLY B 177 -10.52 5.46 12.08
CA GLY B 177 -11.23 5.81 10.87
C GLY B 177 -12.31 4.84 10.49
N LYS B 178 -12.71 3.97 11.42
CA LYS B 178 -13.66 2.89 11.13
C LYS B 178 -14.84 2.83 12.09
N PRO B 179 -15.72 3.84 12.03
CA PRO B 179 -16.86 3.93 12.97
C PRO B 179 -18.03 2.91 12.84
N VAL B 180 -18.52 2.49 11.66
CA VAL B 180 -18.21 2.95 10.29
C VAL B 180 -18.92 4.29 9.99
N PRO B 181 -18.30 5.14 9.14
CA PRO B 181 -18.81 6.51 8.93
C PRO B 181 -20.26 6.61 8.41
N LYS B 182 -20.74 5.54 7.78
CA LYS B 182 -22.12 5.50 7.30
C LYS B 182 -23.10 5.59 8.48
N GLU B 183 -24.29 6.11 8.21
CA GLU B 183 -25.34 6.13 9.20
C GLU B 183 -26.65 5.54 8.65
N ASN B 184 -27.04 4.41 9.21
CA ASN B 184 -28.31 3.75 8.91
C ASN B 184 -29.24 4.14 10.05
N GLY B 185 -28.71 5.07 10.85
CA GLY B 185 -29.32 5.64 12.04
C GLY B 185 -28.67 5.05 13.28
N GLY B 186 -28.50 5.90 14.30
CA GLY B 186 -27.75 5.59 15.51
C GLY B 186 -26.26 5.29 15.37
N TYR B 187 -25.56 6.02 14.47
CA TYR B 187 -24.14 5.77 14.16
C TYR B 187 -23.29 6.23 15.34
N TRP B 188 -23.89 7.16 16.07
CA TRP B 188 -23.54 7.52 17.45
C TRP B 188 -22.31 8.42 17.64
N ASP B 189 -21.43 8.47 16.63
CA ASP B 189 -20.21 9.30 16.71
C ASP B 189 -19.56 9.25 18.10
N ALA B 190 -18.99 8.09 18.45
CA ALA B 190 -18.38 7.88 19.74
C ALA B 190 -17.32 8.92 20.06
N MET B 191 -16.62 9.38 19.03
CA MET B 191 -15.58 10.37 19.21
C MET B 191 -16.16 11.64 19.78
N GLN B 192 -17.28 12.07 19.20
CA GLN B 192 -17.90 13.31 19.62
C GLN B 192 -18.43 13.16 21.05
N GLU B 193 -19.03 12.01 21.35
CA GLU B 193 -19.56 11.76 22.67
C GLU B 193 -18.43 11.80 23.68
N MET B 194 -17.31 11.21 23.32
CA MET B 194 -16.19 11.13 24.25
C MET B 194 -15.58 12.50 24.47
N GLN B 195 -15.61 13.35 23.45
CA GLN B 195 -15.16 14.72 23.62
C GLN B 195 -16.04 15.44 24.62
N ASN B 196 -17.36 15.32 24.44
CA ASN B 196 -18.33 15.92 25.32
C ASN B 196 -18.14 15.42 26.75
N THR B 197 -17.83 14.12 26.87
CA THR B 197 -17.60 13.53 28.18
C THR B 197 -16.39 14.18 28.83
N LEU B 198 -15.31 14.36 28.07
CA LEU B 198 -14.12 15.02 28.56
C LEU B 198 -14.39 16.48 28.95
N ARG B 199 -14.99 17.23 28.03
CA ARG B 199 -15.26 18.64 28.26
C ARG B 199 -16.10 18.80 29.52
N GLY B 200 -17.06 17.90 29.69
CA GLY B 200 -17.95 17.92 30.83
C GLY B 200 -17.21 17.71 32.14
N LEU B 201 -16.47 16.61 32.20
CA LEU B 201 -15.67 16.28 33.36
C LEU B 201 -14.70 17.39 33.71
N ARG B 202 -14.17 18.05 32.70
CA ARG B 202 -13.15 19.05 32.94
C ARG B 202 -13.80 20.28 33.53
N ASN B 203 -15.06 20.47 33.19
CA ASN B 203 -15.79 21.66 33.62
C ASN B 203 -16.26 21.53 35.05
N HIS B 204 -16.76 20.35 35.40
CA HIS B 204 -17.22 20.09 36.76
C HIS B 204 -16.02 20.05 37.71
N ALA B 205 -14.90 19.53 37.21
CA ALA B 205 -13.67 19.53 37.97
C ALA B 205 -13.28 20.97 38.33
N ASP B 206 -13.45 21.88 37.38
CA ASP B 206 -13.12 23.29 37.58
C ASP B 206 -13.98 23.89 38.68
N THR B 207 -15.27 23.57 38.63
CA THR B 207 -16.23 24.01 39.62
C THR B 207 -15.87 23.58 41.03
N LEU B 208 -15.37 22.35 41.17
CA LEU B 208 -15.12 21.76 42.48
C LEU B 208 -13.68 21.86 42.99
N LYS B 209 -12.79 22.42 42.19
CA LYS B 209 -11.36 22.36 42.49
C LYS B 209 -10.98 23.03 43.84
N ASN B 210 -11.39 24.26 44.04
CA ASN B 210 -11.00 24.95 45.25
C ASN B 210 -12.05 24.97 46.37
N VAL B 211 -13.16 24.28 46.16
CA VAL B 211 -14.23 24.24 47.16
C VAL B 211 -13.80 23.53 48.46
N ASN B 212 -13.99 24.19 49.61
CA ASN B 212 -13.50 23.74 50.92
C ASN B 212 -14.26 22.54 51.52
N ASN B 213 -15.28 22.06 50.82
CA ASN B 213 -16.00 20.87 51.28
C ASN B 213 -15.32 19.56 50.88
N PRO B 214 -15.17 18.63 51.83
CA PRO B 214 -14.54 17.32 51.59
C PRO B 214 -15.31 16.45 50.58
N GLU B 215 -16.63 16.58 50.55
CA GLU B 215 -17.46 15.86 49.61
C GLU B 215 -17.18 16.39 48.19
N ALA B 216 -16.89 17.69 48.10
CA ALA B 216 -16.55 18.28 46.81
C ALA B 216 -15.17 17.80 46.36
N GLN B 217 -14.26 17.63 47.31
CA GLN B 217 -12.91 17.24 46.98
C GLN B 217 -12.85 15.77 46.60
N ALA B 218 -13.74 14.97 47.15
CA ALA B 218 -13.80 13.55 46.78
C ALA B 218 -14.34 13.40 45.36
N ALA B 219 -15.27 14.27 45.01
CA ALA B 219 -15.86 14.28 43.69
C ALA B 219 -14.84 14.79 42.68
N TYR B 220 -14.08 15.80 43.07
CA TYR B 220 -13.03 16.33 42.22
C TYR B 220 -12.00 15.24 41.92
N GLY B 221 -11.79 14.37 42.89
CA GLY B 221 -10.83 13.30 42.72
C GLY B 221 -11.38 12.28 41.74
N ARG B 222 -12.68 11.98 41.84
CA ARG B 222 -13.29 11.00 40.97
C ARG B 222 -13.29 11.48 39.52
N ALA B 223 -13.55 12.77 39.33
CA ALA B 223 -13.48 13.38 38.00
C ALA B 223 -12.06 13.33 37.43
N THR B 224 -11.11 13.86 38.20
CA THR B 224 -9.71 13.81 37.81
C THR B 224 -9.30 12.37 37.43
N ASP B 225 -9.74 11.39 38.23
CA ASP B 225 -9.45 9.98 37.95
C ASP B 225 -10.01 9.53 36.61
N ALA B 226 -11.27 9.90 36.36
CA ALA B 226 -11.96 9.50 35.14
C ALA B 226 -11.26 10.09 33.92
N ILE B 227 -10.86 11.35 34.05
CA ILE B 227 -10.15 12.02 32.96
C ILE B 227 -8.84 11.27 32.67
N ASN B 228 -8.17 10.80 33.71
CA ASN B 228 -6.91 10.11 33.55
C ASN B 228 -7.11 8.71 32.98
N LYS B 229 -8.28 8.14 33.22
CA LYS B 229 -8.62 6.83 32.68
C LYS B 229 -8.70 6.95 31.17
N ILE B 230 -9.42 7.97 30.73
CA ILE B 230 -9.61 8.26 29.31
C ILE B 230 -8.32 8.66 28.61
N GLU B 231 -7.52 9.51 29.25
CA GLU B 231 -6.33 10.06 28.60
C GLU B 231 -5.28 8.97 28.46
N SER B 232 -5.29 8.00 29.37
CA SER B 232 -4.30 6.93 29.31
C SER B 232 -4.64 5.95 28.21
N ALA B 233 -5.92 5.91 27.89
CA ALA B 233 -6.39 5.00 26.87
C ALA B 233 -6.01 5.53 25.51
N LEU B 234 -6.13 6.84 25.31
CA LEU B 234 -5.83 7.34 23.97
C LEU B 234 -4.47 8.01 23.77
N LYS B 235 -3.67 8.15 24.83
CA LYS B 235 -2.36 8.78 24.67
C LYS B 235 -1.46 7.84 23.86
N GLY B 236 -0.87 8.38 22.79
CA GLY B 236 0.06 7.62 21.98
C GLY B 236 -0.58 6.62 21.04
N TYR B 237 -1.89 6.70 20.88
CA TYR B 237 -2.59 5.74 20.03
C TYR B 237 -2.37 6.02 18.54
N GLY B 238 -2.11 4.95 17.78
CA GLY B 238 -2.03 5.04 16.33
C GLY B 238 -0.65 5.40 15.82
N ILE B 239 0.33 5.38 16.72
CA ILE B 239 1.68 5.79 16.39
C ILE B 239 2.66 4.64 16.56
N GLY C 2 20.39 19.59 -6.14
CA GLY C 2 19.51 18.48 -5.80
C GLY C 2 18.37 18.29 -6.79
N LYS C 3 17.24 17.77 -6.32
CA LYS C 3 16.14 17.53 -7.24
C LYS C 3 14.76 17.89 -6.68
N ILE C 4 14.06 18.77 -7.40
CA ILE C 4 12.64 19.01 -7.20
C ILE C 4 11.88 18.49 -8.41
N PHE C 5 11.04 17.48 -8.21
CA PHE C 5 10.25 16.94 -9.32
C PHE C 5 9.05 17.82 -9.61
N GLU C 6 8.80 18.11 -10.88
CA GLU C 6 7.72 19.05 -11.20
C GLU C 6 6.34 18.44 -10.97
N ASP C 7 6.24 17.11 -11.07
CA ASP C 7 5.04 16.37 -10.68
C ASP C 7 5.42 14.93 -10.38
N ASN C 8 4.53 14.19 -9.73
CA ASN C 8 4.89 12.86 -9.23
C ASN C 8 5.25 11.82 -10.33
N SER C 9 4.80 12.02 -11.58
CA SER C 9 5.14 11.05 -12.63
C SER C 9 6.64 11.02 -12.92
N LEU C 10 7.32 12.09 -12.57
CA LEU C 10 8.75 12.21 -12.81
C LEU C 10 9.58 11.53 -11.71
N THR C 11 8.90 10.97 -10.71
CA THR C 11 9.61 10.33 -9.59
C THR C 11 9.83 8.83 -9.79
N ILE C 12 9.44 8.33 -10.96
CA ILE C 12 9.51 6.89 -11.22
C ILE C 12 10.94 6.41 -11.22
N GLY C 13 11.13 5.14 -10.88
CA GLY C 13 12.42 4.49 -11.05
C GLY C 13 13.35 4.55 -9.87
N HIS C 14 14.60 4.17 -10.14
CA HIS C 14 15.68 4.15 -9.15
C HIS C 14 15.24 3.32 -7.95
N THR C 15 14.46 2.29 -8.26
CA THR C 15 14.09 1.24 -7.33
C THR C 15 15.34 0.48 -6.89
N PRO C 16 15.35 0.04 -5.63
CA PRO C 16 16.52 -0.62 -5.05
C PRO C 16 16.68 -2.07 -5.47
N LEU C 17 17.93 -2.50 -5.47
CA LEU C 17 18.28 -3.88 -5.77
C LEU C 17 18.76 -4.48 -4.49
N VAL C 18 18.08 -5.51 -4.03
CA VAL C 18 18.36 -6.05 -2.70
C VAL C 18 18.75 -7.52 -2.78
N ARG C 19 19.84 -7.86 -2.08
CA ARG C 19 20.26 -9.24 -1.96
C ARG C 19 19.29 -10.01 -1.08
N LEU C 20 18.82 -11.16 -1.57
CA LEU C 20 18.01 -12.02 -0.72
C LEU C 20 18.96 -12.92 0.05
N ASN C 21 18.97 -12.74 1.37
CA ASN C 21 19.88 -13.47 2.23
C ASN C 21 19.41 -14.86 2.69
N ARG C 22 18.13 -14.99 3.08
CA ARG C 22 17.63 -16.30 3.54
C ARG C 22 16.92 -17.09 2.43
N ILE C 23 16.78 -16.51 1.25
CA ILE C 23 16.17 -17.19 0.09
C ILE C 23 17.20 -17.37 -1.00
N GLY C 24 17.46 -18.62 -1.37
CA GLY C 24 18.53 -18.92 -2.30
C GLY C 24 19.89 -18.83 -1.61
N ASN C 25 20.93 -18.78 -2.42
CA ASN C 25 22.30 -18.86 -1.92
C ASN C 25 22.94 -17.50 -1.74
N GLY C 26 22.18 -16.45 -2.02
CA GLY C 26 22.69 -15.10 -1.84
C GLY C 26 23.11 -14.44 -3.14
N ARG C 27 22.87 -15.12 -4.27
CA ARG C 27 23.14 -14.49 -5.55
C ARG C 27 21.87 -13.96 -6.21
N ILE C 28 20.72 -14.15 -5.55
CA ILE C 28 19.47 -13.60 -6.06
C ILE C 28 19.32 -12.15 -5.64
N LEU C 29 19.27 -11.27 -6.62
CA LEU C 29 19.14 -9.85 -6.35
C LEU C 29 17.75 -9.45 -6.79
N ALA C 30 16.98 -8.94 -5.84
CA ALA C 30 15.59 -8.62 -6.07
C ALA C 30 15.42 -7.11 -6.26
N LYS C 31 14.92 -6.74 -7.41
CA LYS C 31 14.63 -5.35 -7.71
C LYS C 31 13.20 -5.07 -7.26
N VAL C 32 13.07 -4.17 -6.29
CA VAL C 32 11.80 -3.94 -5.64
C VAL C 32 11.08 -2.84 -6.37
N GLU C 33 10.06 -3.19 -7.14
CA GLU C 33 9.46 -2.24 -8.06
C GLU C 33 8.25 -1.61 -7.44
N SER C 34 7.95 -2.00 -6.21
CA SER C 34 6.88 -1.34 -5.47
C SER C 34 7.39 0.01 -4.90
N ARG C 35 8.70 0.26 -5.00
CA ARG C 35 9.18 1.56 -4.61
C ARG C 35 9.04 2.43 -5.84
N ASN C 36 7.86 3.00 -5.97
CA ASN C 36 7.45 3.77 -7.13
C ASN C 36 6.29 4.67 -6.70
N PRO C 37 6.01 5.74 -7.46
CA PRO C 37 4.92 6.65 -7.06
C PRO C 37 3.54 6.00 -6.78
N SER C 38 3.02 5.13 -7.62
CA SER C 38 1.80 4.36 -7.30
C SER C 38 2.14 2.93 -6.83
N PHE C 39 3.43 2.68 -6.59
CA PHE C 39 3.91 1.47 -5.91
C PHE C 39 3.82 0.15 -6.69
N SER C 40 4.05 0.21 -7.99
CA SER C 40 4.16 -1.00 -8.79
C SER C 40 5.08 -0.73 -9.97
N VAL C 41 5.56 -1.80 -10.57
CA VAL C 41 6.41 -1.69 -11.76
C VAL C 41 5.68 -0.96 -12.90
N CYS C 43 4.06 1.74 -12.72
CA CYS C 43 4.27 3.18 -12.60
C CYS C 43 5.11 3.72 -13.74
N ARG C 44 6.09 2.91 -14.13
CA ARG C 44 7.03 3.29 -15.16
C ARG C 44 6.34 3.50 -16.49
N ILE C 45 5.39 2.64 -16.83
CA ILE C 45 4.73 2.81 -18.11
C ILE C 45 3.47 3.68 -17.99
N GLY C 46 3.00 3.92 -16.79
CA GLY C 46 1.88 4.83 -16.65
C GLY C 46 2.38 6.22 -17.00
N ALA C 47 3.61 6.51 -16.60
CA ALA C 47 4.25 7.76 -16.92
C ALA C 47 4.61 7.82 -18.41
N ASN C 48 5.51 6.95 -18.85
CA ASN C 48 6.09 7.06 -20.18
C ASN C 48 5.14 6.81 -21.34
N MET C 49 4.03 6.13 -21.08
CA MET C 49 3.01 5.92 -22.12
C MET C 49 2.28 7.23 -22.40
N ILE C 50 2.09 8.01 -21.34
CA ILE C 50 1.44 9.31 -21.42
C ILE C 50 2.41 10.40 -21.90
N TRP C 51 3.64 10.39 -21.38
CA TRP C 51 4.69 11.28 -21.87
C TRP C 51 4.78 11.17 -23.37
N ASP C 52 4.96 9.94 -23.83
CA ASP C 52 5.05 9.64 -25.25
C ASP C 52 3.86 10.17 -26.04
N ALA C 53 2.66 10.05 -25.48
CA ALA C 53 1.47 10.50 -26.19
C ALA C 53 1.51 12.02 -26.36
N GLU C 54 2.12 12.70 -25.39
CA GLU C 54 2.30 14.14 -25.48
C GLU C 54 3.29 14.51 -26.59
N LYS C 55 4.46 13.90 -26.56
CA LYS C 55 5.52 14.17 -27.53
C LYS C 55 5.06 13.94 -28.99
N ARG C 56 4.24 12.92 -29.21
CA ARG C 56 3.74 12.61 -30.56
C ARG C 56 2.63 13.59 -30.91
N GLY C 57 2.19 14.37 -29.94
CA GLY C 57 1.25 15.45 -30.21
C GLY C 57 -0.21 15.04 -30.26
N VAL C 58 -0.48 13.76 -30.10
CA VAL C 58 -1.85 13.26 -30.25
C VAL C 58 -2.70 13.69 -29.05
N LEU C 59 -2.04 13.78 -27.91
CA LEU C 59 -2.68 14.21 -26.67
C LEU C 59 -2.46 15.71 -26.48
N LYS C 60 -3.57 16.45 -26.46
CA LYS C 60 -3.58 17.90 -26.43
C LYS C 60 -4.86 18.33 -25.75
N PRO C 61 -5.07 19.65 -25.55
CA PRO C 61 -6.29 20.11 -24.85
C PRO C 61 -7.61 19.47 -25.32
N GLY C 62 -8.42 19.04 -24.36
CA GLY C 62 -9.70 18.43 -24.65
C GLY C 62 -9.62 16.92 -24.75
N VAL C 63 -8.44 16.39 -25.04
CA VAL C 63 -8.26 14.95 -25.23
C VAL C 63 -8.17 14.18 -23.91
N GLU C 64 -9.03 13.17 -23.76
CA GLU C 64 -9.09 12.35 -22.54
C GLU C 64 -8.48 10.98 -22.74
N LEU C 65 -7.97 10.38 -21.68
CA LEU C 65 -7.37 9.06 -21.76
C LEU C 65 -8.39 7.98 -21.44
N VAL C 66 -8.23 6.84 -22.12
CA VAL C 66 -9.07 5.65 -21.94
C VAL C 66 -8.20 4.39 -22.03
N GLU C 67 -8.29 3.50 -21.04
CA GLU C 67 -7.70 2.16 -21.14
C GLU C 67 -8.53 1.09 -20.43
N PRO C 68 -8.68 -0.10 -21.06
CA PRO C 68 -9.15 -1.25 -20.28
C PRO C 68 -8.04 -1.81 -19.42
N THR C 69 -8.25 -1.87 -18.11
CA THR C 69 -7.37 -2.62 -17.21
C THR C 69 -8.03 -2.91 -15.87
N SER C 70 -7.88 -4.14 -15.38
CA SER C 70 -8.28 -4.49 -14.01
C SER C 70 -7.07 -4.55 -13.07
N GLY C 71 -5.89 -4.24 -13.58
CA GLY C 71 -4.66 -4.43 -12.82
C GLY C 71 -4.00 -3.13 -12.41
N ASN C 72 -2.69 -3.21 -12.17
CA ASN C 72 -1.95 -2.07 -11.68
C ASN C 72 -1.85 -0.93 -12.70
N THR C 73 -1.95 -1.26 -13.97
CA THR C 73 -1.84 -0.26 -15.02
C THR C 73 -2.91 0.81 -14.84
N GLY C 74 -4.07 0.42 -14.32
CA GLY C 74 -5.09 1.39 -13.95
C GLY C 74 -4.63 2.37 -12.89
N ILE C 75 -3.99 1.86 -11.84
CA ILE C 75 -3.47 2.70 -10.78
C ILE C 75 -2.32 3.60 -11.31
N ALA C 76 -1.46 3.06 -12.17
CA ALA C 76 -0.37 3.86 -12.73
C ALA C 76 -0.87 4.95 -13.69
N LEU C 77 -1.88 4.66 -14.49
CA LEU C 77 -2.44 5.69 -15.35
C LEU C 77 -3.21 6.73 -14.54
N ALA C 78 -3.90 6.27 -13.49
CA ALA C 78 -4.72 7.13 -12.65
C ALA C 78 -3.94 8.23 -11.97
N TYR C 79 -2.77 7.88 -11.42
CA TYR C 79 -2.03 8.87 -10.65
C TYR C 79 -1.29 9.84 -11.57
N VAL C 80 -0.89 9.36 -12.73
CA VAL C 80 -0.20 10.21 -13.70
C VAL C 80 -1.18 11.20 -14.32
N ALA C 81 -2.37 10.73 -14.66
CA ALA C 81 -3.39 11.62 -15.21
C ALA C 81 -3.78 12.68 -14.18
N ALA C 82 -3.67 12.33 -12.89
CA ALA C 82 -4.02 13.25 -11.81
C ALA C 82 -2.94 14.33 -11.67
N ALA C 83 -1.69 13.89 -11.79
CA ALA C 83 -0.52 14.76 -11.65
C ALA C 83 -0.27 15.67 -12.85
N ARG C 84 -0.60 15.20 -14.05
CA ARG C 84 -0.42 15.99 -15.26
C ARG C 84 -1.72 16.62 -15.77
N GLY C 85 -2.80 16.44 -15.04
CA GLY C 85 -4.04 17.13 -15.32
C GLY C 85 -4.77 16.62 -16.55
N TYR C 86 -4.93 15.30 -16.62
CA TYR C 86 -5.72 14.70 -17.68
C TYR C 86 -6.95 14.01 -17.12
N LYS C 87 -7.98 13.90 -17.94
CA LYS C 87 -9.15 13.11 -17.59
C LYS C 87 -8.93 11.65 -18.02
N LEU C 88 -9.15 10.73 -17.07
CA LEU C 88 -8.92 9.32 -17.31
C LEU C 88 -10.20 8.54 -17.16
N THR C 89 -10.44 7.63 -18.09
CA THR C 89 -11.54 6.70 -17.95
C THR C 89 -11.00 5.29 -18.07
N LEU C 90 -11.33 4.47 -17.08
CA LEU C 90 -10.90 3.08 -17.06
C LEU C 90 -12.10 2.18 -17.20
N THR C 91 -11.94 1.14 -18.01
CA THR C 91 -12.96 0.10 -18.11
C THR C 91 -12.42 -1.14 -17.45
N MET C 92 -13.24 -1.74 -16.58
CA MET C 92 -12.94 -3.04 -15.99
C MET C 92 -14.24 -3.79 -15.73
N PRO C 93 -14.19 -5.12 -15.65
CA PRO C 93 -15.36 -5.92 -15.24
C PRO C 93 -15.90 -5.56 -13.86
N GLU C 94 -17.20 -5.74 -13.63
CA GLU C 94 -17.85 -5.36 -12.37
C GLU C 94 -17.39 -6.26 -11.22
N THR C 95 -16.56 -7.23 -11.53
CA THR C 95 -15.96 -8.10 -10.52
C THR C 95 -15.00 -7.34 -9.59
N MET C 96 -14.55 -6.17 -10.03
CA MET C 96 -13.62 -5.39 -9.26
C MET C 96 -14.23 -4.99 -7.93
N SER C 97 -13.46 -5.14 -6.87
CA SER C 97 -13.94 -4.89 -5.52
C SER C 97 -14.13 -3.40 -5.24
N ILE C 98 -14.94 -3.12 -4.20
CA ILE C 98 -15.16 -1.78 -3.71
C ILE C 98 -13.86 -1.07 -3.41
N GLU C 99 -13.00 -1.73 -2.65
CA GLU C 99 -11.79 -1.08 -2.21
C GLU C 99 -10.93 -0.67 -3.37
N ARG C 100 -10.88 -1.48 -4.41
CA ARG C 100 -10.06 -1.13 -5.54
C ARG C 100 -10.67 0.03 -6.33
N ARG C 101 -12.00 0.04 -6.43
CA ARG C 101 -12.74 1.17 -7.02
C ARG C 101 -12.46 2.48 -6.27
N LYS C 102 -12.53 2.40 -4.94
CA LYS C 102 -12.23 3.53 -4.08
C LYS C 102 -10.84 4.10 -4.36
N LEU C 103 -9.88 3.21 -4.56
CA LEU C 103 -8.51 3.65 -4.78
C LEU C 103 -8.38 4.40 -6.10
N LEU C 104 -9.07 3.92 -7.13
CA LEU C 104 -8.97 4.58 -8.42
C LEU C 104 -9.74 5.92 -8.40
N LYS C 105 -10.88 5.97 -7.72
CA LYS C 105 -11.67 7.21 -7.67
C LYS C 105 -10.94 8.31 -6.89
N ALA C 106 -10.28 7.92 -5.81
CA ALA C 106 -9.51 8.89 -5.04
C ALA C 106 -8.44 9.49 -5.94
N LEU C 107 -8.00 8.74 -6.92
CA LEU C 107 -6.98 9.26 -7.81
C LEU C 107 -7.63 10.00 -8.97
N GLY C 108 -8.96 10.12 -8.92
CA GLY C 108 -9.69 10.93 -9.89
C GLY C 108 -10.00 10.24 -11.21
N ALA C 109 -9.97 8.91 -11.22
CA ALA C 109 -10.26 8.17 -12.45
C ALA C 109 -11.75 8.02 -12.63
N ASN C 110 -12.20 8.06 -13.87
CA ASN C 110 -13.57 7.74 -14.19
C ASN C 110 -13.70 6.25 -14.50
N LEU C 111 -14.56 5.57 -13.74
CA LEU C 111 -14.62 4.12 -13.84
C LEU C 111 -15.87 3.67 -14.57
N VAL C 112 -15.67 2.84 -15.59
CA VAL C 112 -16.78 2.20 -16.29
C VAL C 112 -16.75 0.69 -16.11
N LEU C 113 -17.69 0.18 -15.34
CA LEU C 113 -17.72 -1.25 -15.03
C LEU C 113 -18.53 -1.99 -16.09
N THR C 114 -17.88 -2.93 -16.78
CA THR C 114 -18.51 -3.70 -17.83
C THR C 114 -19.07 -5.01 -17.29
N GLU C 115 -19.75 -5.79 -18.13
CA GLU C 115 -20.49 -6.94 -17.63
C GLU C 115 -19.58 -8.10 -17.21
N GLY C 116 -19.78 -8.61 -16.00
CA GLY C 116 -18.90 -9.59 -15.41
C GLY C 116 -18.67 -10.86 -16.21
N ALA C 117 -19.73 -11.41 -16.77
CA ALA C 117 -19.57 -12.66 -17.53
C ALA C 117 -18.82 -12.40 -18.84
N LYS C 118 -18.93 -11.19 -19.40
CA LYS C 118 -18.20 -10.85 -20.61
C LYS C 118 -16.70 -10.74 -20.31
N GLY C 119 -16.36 -10.52 -19.05
CA GLY C 119 -14.98 -10.53 -18.60
C GLY C 119 -14.12 -9.43 -19.19
N MET C 120 -12.85 -9.74 -19.43
CA MET C 120 -11.89 -8.74 -19.87
C MET C 120 -12.15 -8.26 -21.29
N LYS C 121 -12.69 -9.12 -22.14
CA LYS C 121 -13.05 -8.67 -23.48
C LYS C 121 -14.19 -7.66 -23.38
N GLY C 122 -15.09 -7.85 -22.41
CA GLY C 122 -16.16 -6.89 -22.20
C GLY C 122 -15.62 -5.48 -22.01
N ALA C 123 -14.59 -5.37 -21.17
CA ALA C 123 -13.98 -4.07 -20.91
C ALA C 123 -13.29 -3.53 -22.15
N ILE C 124 -12.51 -4.39 -22.81
CA ILE C 124 -11.80 -3.97 -24.03
C ILE C 124 -12.80 -3.48 -25.09
N GLN C 125 -13.94 -4.14 -25.17
CA GLN C 125 -14.98 -3.70 -26.10
C GLN C 125 -15.45 -2.30 -25.72
N LYS C 126 -15.89 -2.13 -24.48
CA LYS C 126 -16.45 -0.85 -24.03
C LYS C 126 -15.45 0.28 -24.21
N ALA C 127 -14.17 0.00 -24.01
CA ALA C 127 -13.15 1.03 -24.18
C ALA C 127 -13.12 1.47 -25.63
N GLU C 128 -13.23 0.51 -26.53
CA GLU C 128 -13.16 0.83 -27.95
C GLU C 128 -14.41 1.54 -28.42
N GLU C 129 -15.54 1.21 -27.82
CA GLU C 129 -16.82 1.86 -28.13
C GLU C 129 -16.76 3.33 -27.69
N ILE C 130 -16.11 3.58 -26.55
CA ILE C 130 -15.93 4.93 -26.03
C ILE C 130 -15.03 5.75 -26.95
N VAL C 131 -13.90 5.19 -27.38
CA VAL C 131 -13.04 5.89 -28.33
C VAL C 131 -13.80 6.11 -29.64
N ALA C 132 -14.66 5.16 -29.98
CA ALA C 132 -15.44 5.24 -31.22
C ALA C 132 -16.48 6.36 -31.22
N SER C 133 -17.01 6.71 -30.04
CA SER C 133 -18.04 7.74 -29.95
C SER C 133 -17.49 9.11 -30.34
N ASN C 134 -16.23 9.37 -29.99
CA ASN C 134 -15.55 10.59 -30.40
C ASN C 134 -14.05 10.38 -30.60
N PRO C 135 -13.64 9.77 -31.71
CA PRO C 135 -12.22 9.45 -31.95
C PRO C 135 -11.25 10.63 -31.78
N GLU C 136 -11.75 11.86 -31.87
CA GLU C 136 -10.94 13.06 -31.66
C GLU C 136 -10.72 13.37 -30.17
N LYS C 137 -11.75 13.11 -29.37
CA LYS C 137 -11.72 13.41 -27.94
C LYS C 137 -10.94 12.39 -27.11
N TYR C 138 -11.06 11.11 -27.45
CA TYR C 138 -10.54 10.03 -26.61
C TYR C 138 -9.25 9.43 -27.15
N LEU C 139 -8.38 8.99 -26.24
CA LEU C 139 -7.10 8.40 -26.61
C LEU C 139 -6.87 7.09 -25.86
N LEU C 140 -6.65 6.02 -26.63
CA LEU C 140 -6.45 4.68 -26.07
C LEU C 140 -4.95 4.37 -25.96
N LEU C 141 -4.50 3.99 -24.77
CA LEU C 141 -3.09 3.81 -24.50
C LEU C 141 -2.54 2.45 -25.00
N GLN C 142 -3.35 1.40 -24.88
CA GLN C 142 -3.01 0.06 -25.39
C GLN C 142 -1.71 -0.56 -24.84
N GLN C 143 -1.72 -0.94 -23.56
CA GLN C 143 -0.51 -1.37 -22.86
C GLN C 143 0.18 -2.60 -23.43
N PHE C 144 -0.57 -3.43 -24.16
CA PHE C 144 0.02 -4.66 -24.70
C PHE C 144 0.79 -4.47 -26.01
N SER C 145 0.39 -3.45 -26.78
CA SER C 145 0.98 -3.17 -28.10
C SER C 145 1.95 -1.98 -28.00
N ASN C 146 1.51 -0.86 -27.42
CA ASN C 146 2.28 0.41 -27.38
C ASN C 146 3.74 0.28 -26.93
N PRO C 147 4.67 0.66 -27.84
CA PRO C 147 6.12 0.52 -27.69
C PRO C 147 6.74 1.39 -26.61
N ALA C 148 6.01 2.36 -26.11
CA ALA C 148 6.46 3.18 -24.98
C ALA C 148 6.69 2.30 -23.75
N ASN C 149 5.86 1.27 -23.62
CA ASN C 149 5.93 0.29 -22.54
C ASN C 149 7.33 -0.37 -22.43
N PRO C 150 7.76 -1.11 -23.48
CA PRO C 150 9.13 -1.63 -23.26
C PRO C 150 10.17 -0.54 -23.27
N GLU C 151 9.91 0.55 -23.99
CA GLU C 151 10.88 1.64 -24.08
C GLU C 151 11.33 2.18 -22.71
N ILE C 152 10.39 2.37 -21.78
CA ILE C 152 10.79 2.98 -20.51
C ILE C 152 11.71 2.04 -19.75
N HIS C 153 11.48 0.74 -19.90
CA HIS C 153 12.31 -0.26 -19.22
C HIS C 153 13.70 -0.32 -19.81
N GLU C 154 13.79 0.01 -21.10
CA GLU C 154 15.08 0.12 -21.76
C GLU C 154 15.81 1.41 -21.37
N LYS C 155 15.07 2.49 -21.16
CA LYS C 155 15.69 3.76 -20.81
C LYS C 155 16.04 3.88 -19.33
N THR C 156 15.28 3.20 -18.47
CA THR C 156 15.44 3.38 -17.02
C THR C 156 15.70 2.06 -16.28
N THR C 157 14.71 1.16 -16.32
CA THR C 157 14.79 -0.10 -15.58
C THR C 157 16.08 -0.87 -15.88
N GLY C 158 16.37 -1.02 -17.18
CA GLY C 158 17.56 -1.75 -17.61
C GLY C 158 18.87 -1.13 -17.14
N PRO C 159 19.09 0.14 -17.50
CA PRO C 159 20.24 0.91 -17.04
C PRO C 159 20.48 0.76 -15.55
N GLU C 160 19.41 0.77 -14.74
CA GLU C 160 19.57 0.63 -13.30
C GLU C 160 20.16 -0.71 -12.90
N ILE C 161 19.62 -1.76 -13.53
CA ILE C 161 20.10 -3.11 -13.29
C ILE C 161 21.56 -3.20 -13.73
N TRP C 162 21.86 -2.57 -14.86
CA TRP C 162 23.24 -2.54 -15.36
C TRP C 162 24.16 -1.81 -14.40
N GLU C 163 23.81 -0.56 -14.11
CA GLU C 163 24.62 0.29 -13.24
C GLU C 163 24.81 -0.33 -11.86
N ASP C 164 23.71 -0.75 -11.22
CA ASP C 164 23.79 -1.24 -9.85
C ASP C 164 24.58 -2.54 -9.72
N THR C 165 24.57 -3.36 -10.78
CA THR C 165 25.32 -4.64 -10.78
C THR C 165 26.73 -4.51 -11.34
N ASP C 166 27.04 -3.33 -11.89
CA ASP C 166 28.33 -3.09 -12.57
C ASP C 166 28.57 -4.15 -13.66
N GLY C 167 27.59 -4.31 -14.53
CA GLY C 167 27.69 -5.21 -15.66
C GLY C 167 27.75 -6.68 -15.33
N GLN C 168 27.62 -7.03 -14.05
CA GLN C 168 27.83 -8.42 -13.62
C GLN C 168 26.55 -9.25 -13.56
N VAL C 169 25.42 -8.69 -14.00
CA VAL C 169 24.22 -9.52 -14.05
C VAL C 169 24.43 -10.63 -15.08
N ASP C 170 24.07 -11.86 -14.69
CA ASP C 170 24.17 -13.05 -15.54
C ASP C 170 22.79 -13.47 -16.05
N VAL C 171 21.89 -13.74 -15.10
CA VAL C 171 20.51 -14.06 -15.42
C VAL C 171 19.55 -12.93 -14.98
N PHE C 172 18.65 -12.56 -15.89
CA PHE C 172 17.58 -11.65 -15.57
C PHE C 172 16.21 -12.35 -15.65
N ILE C 173 15.50 -12.35 -14.54
CA ILE C 173 14.22 -13.03 -14.41
C ILE C 173 13.05 -12.05 -14.22
N ALA C 174 12.08 -12.09 -15.12
CA ALA C 174 10.90 -11.23 -14.99
C ALA C 174 9.63 -11.97 -15.42
N GLY C 175 8.59 -11.89 -14.59
CA GLY C 175 7.28 -12.40 -14.94
C GLY C 175 6.76 -11.55 -16.07
N VAL C 176 5.92 -12.14 -16.91
CA VAL C 176 5.42 -11.45 -18.09
C VAL C 176 3.93 -11.18 -17.98
N GLY C 177 3.54 -9.93 -17.71
CA GLY C 177 2.20 -9.48 -18.00
C GLY C 177 2.00 -8.88 -19.38
N THR C 178 2.73 -7.81 -19.65
CA THR C 178 2.75 -7.22 -21.00
C THR C 178 3.99 -7.62 -21.75
N GLY C 179 4.96 -8.12 -20.97
CA GLY C 179 6.29 -8.39 -21.49
C GLY C 179 7.20 -7.17 -21.54
N GLY C 180 6.65 -5.97 -21.30
CA GLY C 180 7.43 -4.75 -21.45
C GLY C 180 8.74 -4.70 -20.67
N THR C 181 8.67 -5.04 -19.38
CA THR C 181 9.85 -5.12 -18.55
C THR C 181 10.91 -6.02 -19.15
N LEU C 182 10.52 -7.27 -19.40
CA LEU C 182 11.44 -8.28 -19.91
C LEU C 182 12.07 -7.81 -21.23
N THR C 183 11.21 -7.43 -22.18
CA THR C 183 11.66 -6.98 -23.49
C THR C 183 12.65 -5.82 -23.38
N GLY C 184 12.24 -4.74 -22.72
CA GLY C 184 13.03 -3.53 -22.64
C GLY C 184 14.34 -3.66 -21.89
N VAL C 185 14.32 -4.37 -20.77
CA VAL C 185 15.55 -4.56 -20.01
C VAL C 185 16.55 -5.36 -20.83
N SER C 186 16.11 -6.50 -21.37
CA SER C 186 16.99 -7.32 -22.20
C SER C 186 17.48 -6.57 -23.44
N ARG C 187 16.63 -5.71 -23.97
CA ARG C 187 16.96 -4.91 -25.14
C ARG C 187 18.06 -3.90 -24.81
N TYR C 188 18.12 -3.47 -23.54
CA TYR C 188 19.18 -2.57 -23.11
C TYR C 188 20.47 -3.34 -22.88
N ILE C 189 20.38 -4.44 -22.14
CA ILE C 189 21.57 -5.17 -21.70
C ILE C 189 22.21 -5.98 -22.82
N LYS C 190 21.37 -6.69 -23.59
CA LYS C 190 21.88 -7.43 -24.73
C LYS C 190 22.27 -6.48 -25.86
N GLY C 191 21.33 -5.63 -26.28
CA GLY C 191 21.57 -4.77 -27.42
C GLY C 191 22.55 -3.64 -27.21
N THR C 192 22.22 -2.79 -26.25
CA THR C 192 22.91 -1.53 -26.08
C THR C 192 24.26 -1.71 -25.35
N LYS C 193 24.32 -2.59 -24.36
CA LYS C 193 25.58 -2.85 -23.68
C LYS C 193 26.30 -4.07 -24.28
N GLY C 194 25.69 -4.64 -25.31
CA GLY C 194 26.31 -5.72 -26.05
C GLY C 194 26.63 -7.00 -25.30
N LYS C 195 25.89 -7.30 -24.24
CA LYS C 195 26.09 -8.58 -23.57
C LYS C 195 25.00 -9.54 -24.01
N THR C 196 25.37 -10.42 -24.93
CA THR C 196 24.43 -11.36 -25.52
C THR C 196 24.47 -12.64 -24.70
N ASP C 197 25.49 -12.73 -23.85
CA ASP C 197 25.61 -13.76 -22.82
C ASP C 197 24.34 -13.90 -21.97
N LEU C 198 23.73 -12.75 -21.66
CA LEU C 198 22.66 -12.67 -20.67
C LEU C 198 21.55 -13.66 -20.93
N ILE C 199 21.15 -14.37 -19.89
CA ILE C 199 20.00 -15.25 -19.96
C ILE C 199 18.77 -14.50 -19.46
N SER C 200 17.86 -14.19 -20.37
CA SER C 200 16.57 -13.61 -20.02
C SER C 200 15.53 -14.72 -19.82
N VAL C 201 14.90 -14.73 -18.65
CA VAL C 201 13.92 -15.76 -18.29
C VAL C 201 12.54 -15.18 -18.03
N ALA C 202 11.57 -15.60 -18.84
CA ALA C 202 10.18 -15.20 -18.60
C ALA C 202 9.58 -16.12 -17.56
N VAL C 203 8.66 -15.60 -16.75
CA VAL C 203 7.98 -16.43 -15.78
C VAL C 203 6.50 -16.33 -16.06
N GLU C 204 5.83 -17.48 -16.15
CA GLU C 204 4.40 -17.53 -16.40
C GLU C 204 3.77 -18.54 -15.45
N PRO C 205 2.43 -18.57 -15.34
CA PRO C 205 1.88 -19.60 -14.45
C PRO C 205 1.87 -20.96 -15.13
N THR C 206 1.86 -22.04 -14.36
CA THR C 206 1.78 -23.35 -14.98
C THR C 206 0.39 -23.54 -15.58
N ASP C 207 -0.60 -22.84 -15.03
CA ASP C 207 -2.00 -22.99 -15.43
C ASP C 207 -2.39 -22.18 -16.67
N SER C 208 -1.50 -21.30 -17.14
CA SER C 208 -1.70 -20.58 -18.39
C SER C 208 -0.35 -20.42 -19.11
N PRO C 209 0.25 -21.55 -19.53
CA PRO C 209 1.66 -21.57 -19.91
C PRO C 209 1.92 -21.25 -21.38
N VAL C 210 1.42 -20.11 -21.85
CA VAL C 210 1.42 -19.83 -23.28
C VAL C 210 2.82 -19.55 -23.85
N ILE C 211 3.73 -19.04 -23.02
CA ILE C 211 5.08 -18.77 -23.50
C ILE C 211 5.82 -20.08 -23.76
N ALA C 212 5.54 -21.09 -22.93
CA ALA C 212 6.14 -22.40 -23.11
C ALA C 212 5.51 -23.07 -24.32
N GLN C 213 4.23 -22.83 -24.53
CA GLN C 213 3.53 -23.43 -25.65
C GLN C 213 4.06 -22.81 -26.94
N ALA C 214 4.31 -21.52 -26.89
CA ALA C 214 4.78 -20.79 -28.04
C ALA C 214 6.21 -21.15 -28.41
N LEU C 215 7.06 -21.37 -27.39
CA LEU C 215 8.45 -21.68 -27.67
C LEU C 215 8.61 -23.12 -28.15
N ALA C 216 7.56 -23.93 -27.96
CA ALA C 216 7.54 -25.32 -28.41
C ALA C 216 6.77 -25.54 -29.72
N GLY C 217 6.23 -24.46 -30.30
CA GLY C 217 5.40 -24.61 -31.50
C GLY C 217 4.05 -25.26 -31.23
N GLU C 218 3.71 -25.43 -29.97
CA GLU C 218 2.43 -26.01 -29.56
C GLU C 218 1.29 -24.99 -29.72
N GLU C 219 0.06 -25.49 -29.76
CA GLU C 219 -1.14 -24.65 -29.79
C GLU C 219 -1.21 -23.84 -28.47
N ILE C 220 -1.75 -22.62 -28.55
CA ILE C 220 -1.83 -21.76 -27.37
C ILE C 220 -3.12 -22.03 -26.58
N LYS C 221 -2.96 -22.51 -25.35
CA LYS C 221 -4.09 -22.95 -24.54
C LYS C 221 -4.02 -22.36 -23.12
N PRO C 222 -4.57 -21.16 -22.95
CA PRO C 222 -4.57 -20.41 -21.69
C PRO C 222 -5.62 -20.91 -20.69
N GLY C 223 -5.40 -20.64 -19.41
CA GLY C 223 -6.36 -21.04 -18.39
C GLY C 223 -6.32 -20.02 -17.28
N PRO C 224 -7.24 -20.13 -16.33
CA PRO C 224 -7.27 -19.30 -15.12
C PRO C 224 -6.19 -19.68 -14.13
N HIS C 225 -5.60 -18.67 -13.50
CA HIS C 225 -4.50 -18.81 -12.55
C HIS C 225 -4.64 -17.74 -11.47
N LYS C 226 -3.90 -17.89 -10.39
CA LYS C 226 -3.97 -16.95 -9.29
C LYS C 226 -2.83 -15.92 -9.26
N ILE C 227 -1.92 -15.94 -10.23
CA ILE C 227 -0.80 -15.01 -10.11
C ILE C 227 -1.11 -13.68 -10.82
N GLN C 228 -1.51 -12.71 -10.01
CA GLN C 228 -2.12 -11.51 -10.54
C GLN C 228 -1.02 -10.61 -11.05
N GLY C 229 -1.21 -10.08 -12.25
CA GLY C 229 -0.20 -9.24 -12.85
C GLY C 229 0.57 -9.89 -13.99
N ILE C 230 0.59 -11.22 -14.04
CA ILE C 230 1.21 -11.89 -15.18
C ILE C 230 0.20 -12.89 -15.73
N GLY C 231 0.62 -13.71 -16.68
CA GLY C 231 -0.29 -14.69 -17.24
C GLY C 231 -1.39 -14.07 -18.07
N ALA C 232 -0.97 -13.34 -19.10
CA ALA C 232 -1.93 -12.66 -19.94
C ALA C 232 -2.84 -13.63 -20.68
N GLY C 233 -2.35 -14.84 -20.94
CA GLY C 233 -3.13 -15.82 -21.69
C GLY C 233 -3.00 -15.71 -23.20
N PHE C 234 -2.02 -14.93 -23.66
CA PHE C 234 -1.67 -14.84 -25.07
C PHE C 234 -0.28 -14.24 -25.18
N ILE C 235 0.26 -14.18 -26.38
CA ILE C 235 1.59 -13.56 -26.55
C ILE C 235 1.41 -12.10 -26.93
N PRO C 236 1.67 -11.21 -25.95
CA PRO C 236 1.42 -9.78 -26.19
C PRO C 236 2.49 -9.26 -27.13
N ALA C 237 2.12 -8.26 -27.94
CA ALA C 237 3.04 -7.69 -28.91
C ALA C 237 4.31 -7.13 -28.27
N ASN C 238 4.22 -6.75 -26.98
CA ASN C 238 5.34 -6.16 -26.28
C ASN C 238 6.24 -7.16 -25.61
N LEU C 239 5.93 -8.43 -25.83
CA LEU C 239 6.88 -9.48 -25.52
C LEU C 239 7.60 -9.87 -26.81
N ASP C 240 8.89 -9.56 -26.88
CA ASP C 240 9.71 -9.96 -28.01
C ASP C 240 10.40 -11.28 -27.69
N LEU C 241 9.97 -12.35 -28.33
CA LEU C 241 10.50 -13.68 -27.99
C LEU C 241 11.95 -13.86 -28.45
N LYS C 242 12.40 -13.02 -29.38
CA LYS C 242 13.77 -13.10 -29.86
C LYS C 242 14.73 -12.76 -28.73
N LEU C 243 14.23 -12.04 -27.72
CA LEU C 243 15.07 -11.73 -26.57
C LEU C 243 14.96 -12.76 -25.44
N VAL C 244 13.97 -13.66 -25.52
CA VAL C 244 13.72 -14.61 -24.44
C VAL C 244 14.48 -15.92 -24.59
N ASP C 245 15.39 -16.19 -23.66
CA ASP C 245 16.24 -17.39 -23.71
C ASP C 245 15.57 -18.63 -23.11
N LYS C 246 14.49 -18.43 -22.34
CA LYS C 246 13.97 -19.47 -21.46
C LYS C 246 12.69 -19.03 -20.74
N VAL C 247 11.89 -19.99 -20.30
CA VAL C 247 10.66 -19.68 -19.56
C VAL C 247 10.41 -20.71 -18.48
N ILE C 248 10.08 -20.23 -17.28
CA ILE C 248 9.84 -21.10 -16.14
C ILE C 248 8.40 -20.93 -15.66
N GLY C 249 7.67 -22.04 -15.60
CA GLY C 249 6.30 -22.01 -15.13
C GLY C 249 6.23 -22.22 -13.64
N ILE C 250 5.31 -21.52 -12.99
CA ILE C 250 5.20 -21.58 -11.54
C ILE C 250 3.76 -21.85 -11.13
N THR C 251 3.58 -22.71 -10.13
CA THR C 251 2.23 -23.03 -9.65
C THR C 251 1.70 -21.98 -8.70
N ASN C 252 0.38 -21.86 -8.62
CA ASN C 252 -0.26 -20.91 -7.69
C ASN C 252 0.32 -21.01 -6.29
N GLU C 253 0.49 -22.24 -5.80
CA GLU C 253 0.96 -22.49 -4.46
C GLU C 253 2.43 -22.07 -4.27
N GLU C 254 3.23 -22.25 -5.31
CA GLU C 254 4.65 -21.91 -5.24
C GLU C 254 4.79 -20.39 -5.13
N ALA C 255 3.92 -19.68 -5.83
CA ALA C 255 4.03 -18.24 -5.83
C ALA C 255 3.58 -17.69 -4.50
N ILE C 256 2.47 -18.21 -4.00
CA ILE C 256 1.93 -17.69 -2.75
C ILE C 256 2.87 -18.01 -1.60
N SER C 257 3.44 -19.22 -1.60
CA SER C 257 4.31 -19.58 -0.48
C SER C 257 5.60 -18.77 -0.48
N THR C 258 6.10 -18.46 -1.68
CA THR C 258 7.37 -17.76 -1.82
C THR C 258 7.18 -16.26 -1.58
N ALA C 259 5.98 -15.79 -1.87
CA ALA C 259 5.61 -14.43 -1.53
C ALA C 259 5.63 -14.27 -0.02
N ARG C 260 5.06 -15.25 0.68
CA ARG C 260 5.03 -15.19 2.14
C ARG C 260 6.44 -15.24 2.71
N ARG C 261 7.34 -15.93 2.00
CA ARG C 261 8.72 -16.03 2.46
C ARG C 261 9.45 -14.70 2.29
N LEU C 262 9.13 -13.96 1.25
CA LEU C 262 9.78 -12.67 1.01
C LEU C 262 9.46 -11.71 2.14
N MET C 263 8.22 -11.73 2.60
CA MET C 263 7.82 -10.81 3.66
C MET C 263 8.40 -11.25 5.02
N GLU C 264 8.33 -12.53 5.33
CA GLU C 264 8.73 -13.00 6.66
C GLU C 264 10.25 -13.15 6.83
N GLU C 265 10.92 -13.72 5.83
CA GLU C 265 12.37 -13.90 5.85
C GLU C 265 13.21 -12.73 5.32
N GLU C 266 12.73 -11.96 4.33
CA GLU C 266 13.52 -10.81 3.84
C GLU C 266 13.03 -9.43 4.27
N GLY C 267 11.86 -9.37 4.90
CA GLY C 267 11.22 -8.09 5.24
C GLY C 267 10.71 -7.31 4.03
N ILE C 268 10.50 -8.00 2.93
CA ILE C 268 10.07 -7.35 1.70
C ILE C 268 8.58 -7.62 1.42
N LEU C 269 7.77 -6.57 1.40
CA LEU C 269 6.37 -6.73 1.09
C LEU C 269 6.27 -7.17 -0.35
N ALA C 270 5.53 -8.25 -0.60
CA ALA C 270 5.51 -8.88 -1.92
C ALA C 270 4.14 -9.41 -2.27
N GLY C 271 3.72 -9.19 -3.52
CA GLY C 271 2.52 -9.82 -4.04
C GLY C 271 2.81 -11.15 -4.73
N ILE C 272 1.76 -11.86 -5.08
CA ILE C 272 1.89 -13.17 -5.70
C ILE C 272 2.91 -13.23 -6.85
N SER C 273 2.88 -12.25 -7.75
CA SER C 273 3.76 -12.32 -8.91
C SER C 273 5.21 -12.17 -8.47
N SER C 274 5.42 -11.50 -7.34
CA SER C 274 6.77 -11.29 -6.83
C SER C 274 7.31 -12.59 -6.25
N GLY C 275 6.42 -13.40 -5.69
CA GLY C 275 6.83 -14.69 -5.17
C GLY C 275 7.11 -15.61 -6.33
N ALA C 276 6.32 -15.48 -7.39
CA ALA C 276 6.47 -16.35 -8.53
C ALA C 276 7.84 -16.19 -9.15
N ALA C 277 8.24 -14.94 -9.34
CA ALA C 277 9.50 -14.68 -10.02
C ALA C 277 10.67 -15.20 -9.19
N VAL C 278 10.61 -15.02 -7.88
CA VAL C 278 11.66 -15.48 -7.00
C VAL C 278 11.69 -17.01 -6.96
N ALA C 279 10.51 -17.64 -7.06
CA ALA C 279 10.45 -19.10 -7.06
C ALA C 279 11.07 -19.66 -8.33
N ALA C 280 10.92 -18.92 -9.43
CA ALA C 280 11.59 -19.29 -10.65
C ALA C 280 13.10 -19.22 -10.46
N ALA C 281 13.59 -18.17 -9.81
CA ALA C 281 15.02 -18.09 -9.54
C ALA C 281 15.46 -19.25 -8.68
N LEU C 282 14.60 -19.67 -7.77
CA LEU C 282 14.92 -20.79 -6.92
C LEU C 282 15.00 -22.09 -7.70
N LYS C 283 14.14 -22.24 -8.70
CA LYS C 283 14.14 -23.47 -9.47
C LYS C 283 15.38 -23.48 -10.34
N LEU C 284 15.78 -22.30 -10.79
CA LEU C 284 16.97 -22.20 -11.62
C LEU C 284 18.25 -22.58 -10.86
N GLN C 285 18.23 -22.44 -9.54
CA GLN C 285 19.41 -22.76 -8.74
C GLN C 285 19.47 -24.26 -8.45
N GLU C 286 18.46 -25.00 -8.93
CA GLU C 286 18.44 -26.44 -8.74
C GLU C 286 19.35 -27.06 -9.79
N ASP C 287 19.31 -26.47 -10.99
CA ASP C 287 20.31 -26.69 -12.03
C ASP C 287 21.65 -26.13 -11.54
N GLU C 288 22.68 -26.97 -11.59
CA GLU C 288 23.96 -26.66 -10.94
C GLU C 288 24.88 -25.79 -11.82
N SER C 289 24.45 -25.51 -13.05
CA SER C 289 25.20 -24.62 -13.92
C SER C 289 25.00 -23.15 -13.53
N PHE C 290 23.88 -22.85 -12.89
CA PHE C 290 23.55 -21.48 -12.53
C PHE C 290 23.91 -21.10 -11.10
N THR C 291 24.38 -22.07 -10.31
CA THR C 291 24.56 -21.91 -8.87
C THR C 291 25.55 -20.79 -8.50
N ASN C 292 26.54 -20.54 -9.35
CA ASN C 292 27.52 -19.48 -9.10
C ASN C 292 27.15 -18.17 -9.81
N LYS C 293 25.98 -18.14 -10.45
CA LYS C 293 25.60 -17.00 -11.29
C LYS C 293 24.77 -15.93 -10.56
N ASN C 294 24.97 -14.67 -10.96
CA ASN C 294 24.23 -13.51 -10.45
C ASN C 294 22.86 -13.34 -11.08
N ILE C 295 21.82 -13.39 -10.25
CA ILE C 295 20.46 -13.36 -10.75
C ILE C 295 19.72 -12.10 -10.31
N VAL C 296 19.36 -11.26 -11.28
CA VAL C 296 18.48 -10.12 -10.98
C VAL C 296 17.04 -10.49 -11.30
N VAL C 297 16.18 -10.46 -10.28
CA VAL C 297 14.76 -10.77 -10.49
C VAL C 297 13.89 -9.56 -10.18
N ILE C 298 12.85 -9.36 -10.99
CA ILE C 298 11.90 -8.25 -10.80
C ILE C 298 10.82 -8.61 -9.78
N LEU C 299 10.51 -7.65 -8.91
CA LEU C 299 9.49 -7.79 -7.89
C LEU C 299 8.46 -6.71 -8.15
N PRO C 300 7.41 -7.04 -8.90
CA PRO C 300 6.49 -6.02 -9.43
C PRO C 300 5.58 -5.26 -8.42
N SER C 301 5.09 -5.88 -7.37
CA SER C 301 4.14 -5.18 -6.49
C SER C 301 4.28 -5.54 -5.01
N SER C 302 3.65 -4.73 -4.16
CA SER C 302 3.71 -4.90 -2.71
C SER C 302 2.52 -5.69 -2.22
N GLY C 303 2.75 -6.55 -1.22
CA GLY C 303 1.69 -7.40 -0.71
C GLY C 303 0.55 -6.64 -0.03
N GLU C 304 0.84 -5.41 0.38
CA GLU C 304 -0.16 -4.61 1.06
C GLU C 304 -1.39 -4.40 0.15
N ARG C 305 -1.15 -4.40 -1.16
CA ARG C 305 -2.21 -4.12 -2.14
C ARG C 305 -3.21 -5.27 -2.21
N TYR C 306 -2.71 -6.42 -1.82
CA TYR C 306 -3.42 -7.69 -1.87
C TYR C 306 -3.93 -8.17 -0.50
N LEU C 307 -3.90 -7.27 0.48
CA LEU C 307 -4.17 -7.61 1.88
C LEU C 307 -5.50 -8.35 2.13
N SER C 308 -6.49 -8.19 1.27
CA SER C 308 -7.76 -8.87 1.51
C SER C 308 -7.85 -10.25 0.87
N THR C 309 -6.78 -10.66 0.19
CA THR C 309 -6.82 -11.85 -0.64
C THR C 309 -6.27 -13.08 0.06
N ALA C 310 -6.17 -14.19 -0.66
CA ALA C 310 -5.71 -15.45 -0.09
C ALA C 310 -4.20 -15.45 0.14
N LEU C 311 -3.52 -14.42 -0.34
CA LEU C 311 -2.10 -14.26 -0.10
C LEU C 311 -1.83 -14.27 1.39
N PHE C 312 -2.77 -13.75 2.17
CA PHE C 312 -2.68 -13.83 3.63
C PHE C 312 -3.71 -14.83 4.16
N ALA C 313 -3.28 -16.05 4.49
CA ALA C 313 -4.19 -17.13 4.88
C ALA C 313 -4.16 -17.50 6.37
N ASP C 314 -3.28 -16.85 7.13
CA ASP C 314 -3.03 -17.24 8.51
C ASP C 314 -2.19 -16.20 9.23
N LYS D 139 -19.03 -37.81 -52.10
CA LYS D 139 -19.83 -37.33 -50.98
C LYS D 139 -19.93 -38.35 -49.84
N THR D 140 -18.93 -38.36 -48.96
CA THR D 140 -18.89 -39.34 -47.88
C THR D 140 -19.39 -38.75 -46.55
N VAL D 141 -20.10 -39.57 -45.77
CA VAL D 141 -20.48 -39.28 -44.40
C VAL D 141 -20.32 -40.56 -43.56
N ASP D 142 -19.65 -40.47 -42.41
CA ASP D 142 -19.40 -41.65 -41.57
C ASP D 142 -20.37 -41.71 -40.42
N LYS D 143 -20.76 -42.91 -40.01
CA LYS D 143 -21.63 -43.03 -38.84
C LYS D 143 -20.81 -42.75 -37.59
N LEU D 144 -21.37 -41.98 -36.66
CA LEU D 144 -20.69 -41.71 -35.39
C LEU D 144 -20.71 -42.95 -34.50
N ASN D 145 -19.63 -43.19 -33.76
CA ASN D 145 -19.63 -44.27 -32.78
C ASN D 145 -19.99 -43.78 -31.37
N GLN D 146 -19.98 -44.73 -30.44
CA GLN D 146 -20.34 -44.49 -29.05
C GLN D 146 -19.48 -43.38 -28.45
N LYS D 147 -18.19 -43.44 -28.74
CA LYS D 147 -17.21 -42.46 -28.25
C LYS D 147 -17.54 -41.05 -28.71
N GLN D 148 -17.88 -40.93 -29.98
CA GLN D 148 -18.11 -39.62 -30.57
C GLN D 148 -19.48 -39.07 -30.20
N GLU D 149 -20.48 -39.94 -30.17
CA GLU D 149 -21.80 -39.53 -29.72
C GLU D 149 -21.74 -39.07 -28.26
N SER D 150 -20.83 -39.68 -27.50
CA SER D 150 -20.61 -39.32 -26.11
C SER D 150 -19.96 -37.93 -26.01
N ALA D 151 -18.96 -37.69 -26.85
CA ALA D 151 -18.28 -36.42 -26.88
C ALA D 151 -19.25 -35.29 -27.25
N ILE D 152 -20.18 -35.57 -28.14
CA ILE D 152 -21.18 -34.57 -28.57
C ILE D 152 -22.15 -34.27 -27.43
N LYS D 153 -22.45 -35.30 -26.65
CA LYS D 153 -23.40 -35.17 -25.54
C LYS D 153 -22.80 -34.34 -24.39
N LYS D 154 -21.57 -34.69 -24.03
CA LYS D 154 -20.85 -34.01 -22.99
C LYS D 154 -20.59 -32.55 -23.34
N ILE D 155 -20.29 -32.28 -24.62
CA ILE D 155 -20.02 -30.91 -25.03
C ILE D 155 -21.23 -30.01 -24.77
N ASP D 156 -22.41 -30.44 -25.17
CA ASP D 156 -23.59 -29.59 -25.00
C ASP D 156 -24.04 -29.48 -23.55
N ASN D 157 -23.74 -30.50 -22.74
CA ASN D 157 -24.05 -30.44 -21.32
C ASN D 157 -23.20 -29.43 -20.61
N THR D 158 -21.88 -29.54 -20.76
CA THR D 158 -21.00 -28.65 -20.03
C THR D 158 -21.24 -27.22 -20.46
N ILE D 159 -21.82 -27.01 -21.64
CA ILE D 159 -22.10 -25.64 -22.07
C ILE D 159 -23.31 -25.04 -21.35
N LYS D 160 -24.39 -25.79 -21.15
CA LYS D 160 -25.52 -25.22 -20.43
C LYS D 160 -25.24 -25.17 -18.92
N ASN D 161 -24.70 -26.27 -18.39
CA ASN D 161 -24.48 -26.42 -16.94
C ASN D 161 -23.19 -25.84 -16.33
N ALA D 162 -22.03 -26.00 -16.98
CA ALA D 162 -20.76 -25.56 -16.40
C ALA D 162 -20.29 -24.21 -16.92
N LEU D 163 -21.03 -23.66 -17.88
CA LEU D 163 -20.81 -22.28 -18.32
C LEU D 163 -22.04 -21.48 -17.99
N LYS D 164 -21.95 -20.71 -16.94
CA LYS D 164 -23.02 -19.84 -16.53
C LYS D 164 -22.31 -18.60 -16.14
N ASP D 165 -23.05 -17.50 -16.11
CA ASP D 165 -22.48 -16.26 -15.66
C ASP D 165 -21.82 -16.45 -14.30
N HIS D 166 -22.45 -17.22 -13.41
CA HIS D 166 -21.91 -17.42 -12.07
C HIS D 166 -20.66 -18.28 -12.08
N ASP D 167 -20.48 -19.06 -13.14
CA ASP D 167 -19.27 -19.87 -13.25
C ASP D 167 -18.08 -19.02 -13.74
N ILE D 168 -18.37 -18.05 -14.59
CA ILE D 168 -17.31 -17.20 -15.14
C ILE D 168 -16.93 -16.13 -14.14
N ILE D 169 -17.94 -15.54 -13.52
CA ILE D 169 -17.72 -14.53 -12.51
C ILE D 169 -16.91 -15.12 -11.35
N GLY D 170 -17.32 -16.31 -10.91
CA GLY D 170 -16.64 -16.99 -9.82
C GLY D 170 -15.17 -17.22 -10.15
N THR D 171 -14.91 -17.62 -11.39
CA THR D 171 -13.55 -17.90 -11.81
C THR D 171 -12.73 -16.60 -11.82
N LEU D 172 -13.37 -15.50 -12.21
CA LEU D 172 -12.67 -14.22 -12.28
C LEU D 172 -12.31 -13.75 -10.88
N LYS D 173 -13.21 -13.97 -9.93
CA LYS D 173 -12.98 -13.54 -8.58
C LYS D 173 -11.94 -14.41 -7.86
N ASP D 174 -11.90 -15.70 -8.20
CA ASP D 174 -10.85 -16.57 -7.70
C ASP D 174 -9.52 -16.11 -8.25
N MET D 175 -9.49 -15.56 -9.47
CA MET D 175 -8.23 -15.13 -10.06
C MET D 175 -7.71 -13.90 -9.31
N ASP D 176 -8.63 -13.15 -8.70
CA ASP D 176 -8.29 -11.93 -7.95
C ASP D 176 -7.98 -12.27 -6.50
N GLY D 177 -8.06 -13.55 -6.16
CA GLY D 177 -7.66 -14.04 -4.86
C GLY D 177 -8.74 -14.02 -3.81
N LYS D 178 -9.99 -13.82 -4.24
CA LYS D 178 -11.11 -13.66 -3.29
C LYS D 178 -12.25 -14.61 -3.55
N PRO D 179 -12.01 -15.92 -3.36
CA PRO D 179 -12.99 -16.99 -3.63
C PRO D 179 -14.11 -17.08 -2.56
N VAL D 180 -15.29 -17.58 -2.93
CA VAL D 180 -16.39 -17.67 -1.98
C VAL D 180 -16.22 -18.88 -1.04
N PRO D 181 -16.45 -18.67 0.27
CA PRO D 181 -16.33 -19.66 1.35
C PRO D 181 -17.35 -20.82 1.31
N LYS D 182 -16.99 -21.94 1.92
CA LYS D 182 -17.86 -23.12 2.02
C LYS D 182 -19.10 -22.86 2.90
N GLU D 183 -20.21 -23.56 2.63
CA GLU D 183 -20.34 -24.52 1.52
C GLU D 183 -21.57 -24.19 0.67
N ASN D 184 -21.34 -23.77 -0.58
CA ASN D 184 -22.39 -23.46 -1.55
C ASN D 184 -22.49 -24.53 -2.64
N GLY D 185 -23.66 -24.66 -3.28
CA GLY D 185 -23.80 -25.62 -4.38
C GLY D 185 -23.10 -25.06 -5.61
N GLY D 186 -22.39 -25.91 -6.36
CA GLY D 186 -21.53 -25.43 -7.44
C GLY D 186 -20.46 -24.52 -6.85
N TYR D 187 -19.90 -24.94 -5.71
CA TYR D 187 -19.00 -24.12 -4.88
C TYR D 187 -17.63 -23.91 -5.50
N TRP D 188 -16.76 -23.33 -4.68
CA TRP D 188 -15.39 -23.06 -5.09
C TRP D 188 -14.63 -24.40 -5.20
N ASP D 189 -13.39 -24.39 -5.71
CA ASP D 189 -12.85 -23.28 -6.48
C ASP D 189 -13.42 -23.26 -7.88
N ALA D 190 -14.04 -22.15 -8.21
CA ALA D 190 -14.57 -21.92 -9.54
C ALA D 190 -13.42 -22.09 -10.52
N MET D 191 -12.22 -21.74 -10.07
CA MET D 191 -11.01 -21.85 -10.88
C MET D 191 -10.76 -23.28 -11.30
N GLN D 192 -10.85 -24.19 -10.33
CA GLN D 192 -10.57 -25.58 -10.60
C GLN D 192 -11.65 -26.14 -11.54
N GLU D 193 -12.90 -25.76 -11.27
CA GLU D 193 -14.02 -26.20 -12.07
C GLU D 193 -13.88 -25.73 -13.51
N MET D 194 -13.46 -24.48 -13.66
CA MET D 194 -13.37 -23.91 -14.98
C MET D 194 -12.20 -24.53 -15.73
N GLN D 195 -11.15 -24.91 -15.00
CA GLN D 195 -10.04 -25.64 -15.60
C GLN D 195 -10.55 -26.98 -16.09
N ASN D 196 -11.30 -27.68 -15.24
CA ASN D 196 -11.88 -28.96 -15.60
C ASN D 196 -12.78 -28.80 -16.82
N THR D 197 -13.54 -27.70 -16.85
CA THR D 197 -14.43 -27.39 -17.96
C THR D 197 -13.65 -27.17 -19.25
N LEU D 198 -12.57 -26.40 -19.18
CA LEU D 198 -11.72 -26.15 -20.34
C LEU D 198 -11.10 -27.44 -20.86
N ARG D 199 -10.48 -28.19 -19.95
CA ARG D 199 -9.83 -29.43 -20.31
C ARG D 199 -10.82 -30.38 -20.98
N GLY D 200 -12.04 -30.43 -20.46
CA GLY D 200 -13.06 -31.30 -21.01
C GLY D 200 -13.42 -30.94 -22.43
N LEU D 201 -13.78 -29.68 -22.64
CA LEU D 201 -14.11 -29.19 -23.96
C LEU D 201 -12.98 -29.40 -24.95
N ARG D 202 -11.74 -29.29 -24.49
CA ARG D 202 -10.63 -29.37 -25.40
C ARG D 202 -10.44 -30.80 -25.87
N ASN D 203 -10.83 -31.74 -25.01
CA ASN D 203 -10.66 -33.14 -25.31
C ASN D 203 -11.72 -33.63 -26.27
N HIS D 204 -12.95 -33.19 -26.04
CA HIS D 204 -14.05 -33.58 -26.91
C HIS D 204 -13.88 -32.95 -28.29
N ALA D 205 -13.39 -31.72 -28.31
CA ALA D 205 -13.09 -31.08 -29.57
C ALA D 205 -12.04 -31.90 -30.33
N ASP D 206 -11.04 -32.41 -29.61
CA ASP D 206 -10.00 -33.24 -30.24
C ASP D 206 -10.63 -34.47 -30.85
N THR D 207 -11.50 -35.10 -30.09
CA THR D 207 -12.21 -36.29 -30.54
C THR D 207 -13.01 -36.03 -31.82
N LEU D 208 -13.66 -34.87 -31.91
CA LEU D 208 -14.58 -34.60 -33.01
C LEU D 208 -13.97 -33.82 -34.17
N LYS D 209 -12.71 -33.42 -34.06
CA LYS D 209 -12.11 -32.50 -35.03
C LYS D 209 -12.12 -33.02 -36.49
N ASN D 210 -11.61 -34.22 -36.71
CA ASN D 210 -11.51 -34.73 -38.06
C ASN D 210 -12.62 -35.69 -38.52
N VAL D 211 -13.63 -35.89 -37.68
CA VAL D 211 -14.73 -36.78 -38.03
C VAL D 211 -15.57 -36.26 -39.21
N ASN D 212 -15.77 -37.11 -40.23
CA ASN D 212 -16.41 -36.73 -41.50
C ASN D 212 -17.94 -36.49 -41.42
N ASN D 213 -18.51 -36.68 -40.23
CA ASN D 213 -19.92 -36.42 -40.01
C ASN D 213 -20.22 -34.95 -39.71
N PRO D 214 -21.26 -34.38 -40.36
CA PRO D 214 -21.69 -32.98 -40.18
C PRO D 214 -22.19 -32.64 -38.75
N GLU D 215 -22.82 -33.61 -38.10
CA GLU D 215 -23.30 -33.44 -36.74
C GLU D 215 -22.09 -33.33 -35.79
N ALA D 216 -21.01 -34.02 -36.13
CA ALA D 216 -19.81 -33.93 -35.32
C ALA D 216 -19.13 -32.57 -35.50
N GLN D 217 -19.15 -32.06 -36.72
CA GLN D 217 -18.46 -30.81 -36.98
C GLN D 217 -19.22 -29.65 -36.38
N ALA D 218 -20.54 -29.79 -36.28
CA ALA D 218 -21.35 -28.74 -35.66
C ALA D 218 -21.10 -28.70 -34.16
N ALA D 219 -20.88 -29.90 -33.59
CA ALA D 219 -20.59 -30.03 -32.18
C ALA D 219 -19.19 -29.50 -31.91
N TYR D 220 -18.28 -29.80 -32.82
CA TYR D 220 -16.92 -29.30 -32.70
C TYR D 220 -16.91 -27.78 -32.71
N GLY D 221 -17.84 -27.19 -33.44
CA GLY D 221 -17.91 -25.75 -33.53
C GLY D 221 -18.43 -25.19 -32.21
N ARG D 222 -19.40 -25.86 -31.63
CA ARG D 222 -19.98 -25.38 -30.39
C ARG D 222 -18.96 -25.40 -29.26
N ALA D 223 -18.14 -26.45 -29.26
CA ALA D 223 -17.03 -26.58 -28.32
C ALA D 223 -15.97 -25.49 -28.54
N THR D 224 -15.48 -25.38 -29.76
CA THR D 224 -14.53 -24.35 -30.12
C THR D 224 -15.08 -22.97 -29.69
N ASP D 225 -16.37 -22.74 -29.94
CA ASP D 225 -17.02 -21.47 -29.56
C ASP D 225 -16.96 -21.23 -28.06
N ALA D 226 -17.32 -22.25 -27.29
CA ALA D 226 -17.35 -22.15 -25.84
C ALA D 226 -15.97 -21.88 -25.28
N ILE D 227 -14.97 -22.55 -25.84
CA ILE D 227 -13.60 -22.33 -25.42
C ILE D 227 -13.20 -20.86 -25.65
N ASN D 228 -13.68 -20.28 -26.75
CA ASN D 228 -13.34 -18.90 -27.05
C ASN D 228 -14.11 -17.93 -26.16
N LYS D 229 -15.27 -18.36 -25.69
CA LYS D 229 -16.09 -17.55 -24.78
C LYS D 229 -15.34 -17.36 -23.48
N ILE D 230 -14.83 -18.47 -22.96
CA ILE D 230 -14.05 -18.51 -21.74
C ILE D 230 -12.71 -17.79 -21.88
N GLU D 231 -12.03 -18.00 -23.00
CA GLU D 231 -10.69 -17.45 -23.19
C GLU D 231 -10.77 -15.95 -23.38
N SER D 232 -11.89 -15.45 -23.88
CA SER D 232 -12.03 -14.01 -24.07
C SER D 232 -12.34 -13.33 -22.73
N ALA D 233 -12.89 -14.12 -21.81
CA ALA D 233 -13.26 -13.58 -20.54
C ALA D 233 -12.04 -13.36 -19.69
N LEU D 234 -11.10 -14.29 -19.71
CA LEU D 234 -9.92 -14.15 -18.86
C LEU D 234 -8.61 -13.68 -19.50
N LYS D 235 -8.59 -13.48 -20.82
CA LYS D 235 -7.37 -13.03 -21.48
C LYS D 235 -7.10 -11.59 -21.05
N GLY D 236 -5.88 -11.34 -20.54
CA GLY D 236 -5.42 -10.01 -20.14
C GLY D 236 -5.98 -9.50 -18.81
N TYR D 237 -6.63 -10.39 -18.07
CA TYR D 237 -7.27 -10.00 -16.82
C TYR D 237 -6.26 -9.78 -15.70
N GLY D 238 -6.43 -8.69 -14.95
CA GLY D 238 -5.63 -8.44 -13.77
C GLY D 238 -4.31 -7.72 -14.00
N ILE D 239 -4.15 -7.15 -15.20
CA ILE D 239 -2.87 -6.55 -15.59
C ILE D 239 -2.92 -5.02 -15.77
#